data_8TNR
#
_entry.id   8TNR
#
_cell.length_a   1.00
_cell.length_b   1.00
_cell.length_c   1.00
_cell.angle_alpha   90.00
_cell.angle_beta   90.00
_cell.angle_gamma   90.00
#
_symmetry.space_group_name_H-M   'P 1'
#
loop_
_entity.id
_entity.type
_entity.pdbx_description
1 polymer 'DNA damage-binding protein 1'
2 polymer 'Protein cereblon'
3 polymer 'Maltose/maltodextrin-binding periplasmic protein,SD40'
4 non-polymer 'ZINC ION'
5 non-polymer 2-[(3S)-2,6-dioxopiperidin-3-yl]-5-(morpholin-4-yl)-1H-isoindole-1,3(2H)-dione
#
loop_
_entity_poly.entity_id
_entity_poly.type
_entity_poly.pdbx_seq_one_letter_code
_entity_poly.pdbx_strand_id
1 'polypeptide(L)'
;MGSSHHHHHHSAVDENLYFQGGGRMSYNYVVTAQKPTAVNGCVTGHFTSAEDLNLLIAKNTRLEIYVVTAEGLRPVKEVG
MYGKIAVMELFRPKGESKDLLFILTAKYNACILEYKQSGESIDIITRAHGNVQDRIGRPSETGIIGIIDPECRMIGLRLY
DGLFKVIPLDRDNKELKAFNIRLEELHVIDVKFLYGCQAPTICFVYQDPQGRHVKTYEVSLREKEFNKGPWKQENVEAEA
SMVIAVPEPFGGAIIIGQESITYHNGDKYLAIAPPIIKQSTIVCHNRVDPNGSRYLLGDMEGRLFMLLLEKEEQMDGTVT
LKDLRVELLGETSIAECLTYLDNGVVFVGSRLGDSQLVKLNVDSNEQGSYVVAMETFTNLGPIVDMCVVDLERQGQGQLV
TCSGAFKEGSLRIIRNGIGGNGNSGEIQKLHIRTVPLYESPRKICYQEVSQCFGVLSSRIEVQDTSGGTTALRPSASTQA
LSSSVSSSKLFSSSTAPHETSFGEEVEVHNLLIIDQHTFEVLHAHQFLQNEYALSLVSCKLGKDPNTYFIVGTAMVYPEE
AEPKQGRIVVFQYSDGKLQTVAEKEVKGAVYSMVEFNGKLLASINSTVRLYEWTTEKELRTECNHYNNIMALYLKTKGDF
ILVGDLMRSVLLLAYKPMEGNFEEIARDFNPNWMSAVEILDDDNFLGAENAFNLFVCQKDSAATTDEERQHLQEVGLFHL
GEFVNVFCHGSLVMQNLGETSTPTQGSVLFGTVNGMIGLVTSLSESWYNLLLDMQNRLNKVIKSVGKIEHSFWRSFHTER
KTEPATGFIDGDLIESFLDISRPKMQEVVANLQYDDGSGMKREATADDLIKVVEELTRIH
;
A
2 'polypeptide(L)'
;MDYKDDDDKSAVDENLYFQGGGRGGSAHIVMVDAYKPTKGGSGMAGEGDQQDAAHNMGNHLPLLPAESEEEDEMEVEDQD
SKEAKKPNIINFDTSLPTSHTYLGADMEEFHGRTLHDDDSCQVIPVLPQVMMILIPGQTLPLQLFHPQEVSMVRNLIQKD
RTFAVLAYSNVQEREAQFGTTAEIYAYREEQDFGIEIVKVKAIGRQRFKVLELRTQSDGIQQAKVQILPECVLPSTMSAV
QLESLNKCQIFPSKPVSREDQCSYKWWQKYQKRKFHCANLTSWPRWLYSLYDAETLMDRIKKQLREWDENLKDDSLPSNP
IDFSYRVAACLPIDDVLRIQLLKIGSAIQRLRCELDIMNKCTSLCCKQCQETEITTKNEIFSLSLCGPMAAYVNPHGYVH
ETLTVYKACNLNLIGRPSTEHSWFPGYAWTVAQCKICASHIGWKFTATKKDMSPQKFWGLTRSALLPTIPDTEDEISPDK
VILCL
;
B
3 'polypeptide(L)'
;MGLNDIFEAQKIEWHEGSSHHHHHHGSSKIEEGKLVIWINGDKGYNGLAEVGKKFEKDTGIKVTVEHPDKLEEKFPQVAA
TGDGPDIIFWAHDRFGGYAQSGLLAEITPDKAFQDKLYPFTWDAVRYNGKLIAYPIAVEALSLIYNKDLLPNPPKTWEEI
PALDKELKAKGKSALMFNLQEPYFTWPLIAADGGYAFKYENGKYDIKDVGVDNAGAKAGLTFLVDLIKNKHMNADTDYSI
AEAAFNKGETAMTINGPWAWSNIDTSKVNYGVTVLPTFKGQPSKPFVGVLSAGINAASPNKELAKEFLENYLLTDEGLEA
VNKDKPLGAVALKSYEEELAKDPRIAATMENAQKGEIMPNIPQMSAFWYAVRTAVINAASGRQTVDEALKDAQTRITKLE
VLFQGPDYKDDDDKSGGGGLLLFCPICGFTCRQKGNLLRHINLHTGEKLFKYHLY
;
C
#
loop_
_chem_comp.id
_chem_comp.type
_chem_comp.name
_chem_comp.formula
MIQ non-polymer 2-[(3S)-2,6-dioxopiperidin-3-yl]-5-(morpholin-4-yl)-1H-isoindole-1,3(2H)-dione 'C17 H17 N3 O5'
ZN non-polymer 'ZINC ION' 'Zn 2'
#
# COMPACT_ATOMS: atom_id res chain seq x y z
N MET A 25 19.12 12.52 -16.98
CA MET A 25 20.53 12.03 -17.05
C MET A 25 20.59 10.54 -17.37
N SER A 26 19.43 9.93 -17.60
CA SER A 26 19.33 8.55 -18.03
C SER A 26 18.49 8.48 -19.29
N TYR A 27 18.76 7.46 -20.11
CA TYR A 27 18.13 7.32 -21.41
C TYR A 27 17.69 5.88 -21.58
N ASN A 28 16.39 5.63 -21.47
CA ASN A 28 15.83 4.29 -21.52
C ASN A 28 14.72 4.24 -22.56
N TYR A 29 14.44 3.03 -23.01
CA TYR A 29 13.47 2.76 -24.06
C TYR A 29 12.62 1.58 -23.62
N VAL A 30 11.30 1.76 -23.61
CA VAL A 30 10.35 0.77 -23.10
C VAL A 30 9.42 0.37 -24.23
N VAL A 31 9.30 -0.93 -24.47
CA VAL A 31 8.38 -1.47 -25.45
C VAL A 31 7.54 -2.56 -24.80
N THR A 32 6.41 -2.85 -25.44
CA THR A 32 5.50 -3.91 -25.01
C THR A 32 5.73 -5.11 -25.91
N ALA A 33 6.45 -6.12 -25.39
CA ALA A 33 6.66 -7.33 -26.18
C ALA A 33 5.36 -8.12 -26.29
N GLN A 34 4.58 -8.17 -25.22
CA GLN A 34 3.27 -8.82 -25.22
C GLN A 34 2.26 -7.85 -24.64
N LYS A 35 1.15 -7.67 -25.35
CA LYS A 35 0.10 -6.77 -24.87
C LYS A 35 -0.62 -7.39 -23.69
N PRO A 36 -1.24 -6.57 -22.84
CA PRO A 36 -1.95 -7.12 -21.68
C PRO A 36 -3.05 -8.07 -22.13
N THR A 37 -3.21 -9.15 -21.36
CA THR A 37 -4.15 -10.21 -21.71
C THR A 37 -5.27 -10.38 -20.70
N ALA A 38 -5.16 -9.81 -19.52
CA ALA A 38 -6.21 -9.93 -18.51
C ALA A 38 -7.39 -9.05 -18.87
N VAL A 39 -8.60 -9.56 -18.64
CA VAL A 39 -9.83 -8.87 -18.96
C VAL A 39 -10.41 -8.27 -17.68
N ASN A 40 -10.72 -6.98 -17.71
CA ASN A 40 -11.31 -6.30 -16.57
C ASN A 40 -12.66 -5.68 -16.89
N GLY A 41 -13.30 -6.10 -17.98
CA GLY A 41 -14.61 -5.56 -18.33
C GLY A 41 -15.10 -6.07 -19.66
N CYS A 42 -16.38 -6.39 -19.75
CA CYS A 42 -16.96 -6.85 -21.00
C CYS A 42 -18.42 -6.41 -21.07
N VAL A 43 -18.83 -5.91 -22.23
CA VAL A 43 -20.20 -5.48 -22.45
C VAL A 43 -20.66 -6.02 -23.80
N THR A 44 -21.98 -6.13 -23.94
CA THR A 44 -22.60 -6.57 -25.18
C THR A 44 -23.63 -5.55 -25.63
N GLY A 45 -23.76 -5.40 -26.93
CA GLY A 45 -24.72 -4.44 -27.45
C GLY A 45 -24.73 -4.35 -28.95
N HIS A 46 -25.08 -3.18 -29.48
CA HIS A 46 -25.09 -2.92 -30.92
C HIS A 46 -24.25 -1.67 -31.14
N PHE A 47 -22.94 -1.87 -31.24
CA PHE A 47 -21.98 -0.78 -31.37
C PHE A 47 -21.57 -0.54 -32.82
N THR A 48 -21.27 -1.59 -33.56
CA THR A 48 -20.85 -1.43 -34.95
C THR A 48 -22.01 -1.07 -35.86
N SER A 49 -23.17 -1.67 -35.63
CA SER A 49 -24.35 -1.37 -36.44
C SER A 49 -25.58 -1.76 -35.65
N ALA A 50 -26.73 -1.24 -36.08
CA ALA A 50 -27.97 -1.52 -35.37
C ALA A 50 -28.32 -2.99 -35.37
N GLU A 51 -27.84 -3.75 -36.35
CA GLU A 51 -28.19 -5.17 -36.48
C GLU A 51 -27.16 -6.10 -35.87
N ASP A 52 -25.90 -5.70 -35.81
CA ASP A 52 -24.85 -6.57 -35.31
C ASP A 52 -24.94 -6.70 -33.78
N LEU A 53 -24.57 -7.88 -33.29
CA LEU A 53 -24.43 -8.14 -31.87
C LEU A 53 -22.95 -8.10 -31.55
N ASN A 54 -22.50 -7.00 -30.92
CA ASN A 54 -21.09 -6.77 -30.65
C ASN A 54 -20.77 -7.09 -29.20
N LEU A 55 -19.57 -7.63 -29.00
CA LEU A 55 -18.99 -7.85 -27.68
C LEU A 55 -17.74 -6.99 -27.57
N LEU A 56 -17.70 -6.14 -26.55
CA LEU A 56 -16.58 -5.26 -26.29
C LEU A 56 -15.86 -5.74 -25.03
N ILE A 57 -14.54 -5.90 -25.14
CA ILE A 57 -13.71 -6.42 -24.06
C ILE A 57 -12.63 -5.39 -23.76
N ALA A 58 -12.42 -5.10 -22.49
CA ALA A 58 -11.37 -4.18 -22.04
C ALA A 58 -10.26 -4.99 -21.40
N LYS A 59 -9.05 -4.87 -21.95
CA LYS A 59 -7.86 -5.50 -21.41
C LYS A 59 -6.92 -4.37 -21.01
N ASN A 60 -7.12 -3.86 -19.79
CA ASN A 60 -6.35 -2.71 -19.31
C ASN A 60 -6.45 -1.56 -20.30
N THR A 61 -5.46 -1.40 -21.17
CA THR A 61 -5.42 -0.28 -22.09
C THR A 61 -5.98 -0.60 -23.47
N ARG A 62 -6.32 -1.85 -23.74
CA ARG A 62 -6.81 -2.26 -25.06
C ARG A 62 -8.32 -2.44 -25.02
N LEU A 63 -8.97 -2.11 -26.13
CA LEU A 63 -10.40 -2.32 -26.30
C LEU A 63 -10.59 -3.17 -27.56
N GLU A 64 -11.15 -4.35 -27.39
CA GLU A 64 -11.38 -5.28 -28.48
C GLU A 64 -12.87 -5.36 -28.78
N ILE A 65 -13.23 -5.15 -30.04
CA ILE A 65 -14.61 -5.18 -30.49
C ILE A 65 -14.76 -6.38 -31.42
N TYR A 66 -15.62 -7.32 -31.04
CA TYR A 66 -15.93 -8.51 -31.81
C TYR A 66 -17.39 -8.47 -32.23
N VAL A 67 -17.69 -9.16 -33.32
CA VAL A 67 -19.07 -9.38 -33.75
C VAL A 67 -19.43 -10.82 -33.42
N VAL A 68 -20.47 -10.99 -32.60
CA VAL A 68 -20.87 -12.33 -32.18
C VAL A 68 -21.58 -13.03 -33.33
N THR A 69 -21.07 -14.21 -33.69
CA THR A 69 -21.65 -15.02 -34.75
C THR A 69 -21.90 -16.42 -34.21
N ALA A 70 -22.69 -17.19 -34.96
CA ALA A 70 -22.97 -18.56 -34.56
C ALA A 70 -21.70 -19.40 -34.47
N GLU A 71 -20.63 -18.97 -35.13
CA GLU A 71 -19.36 -19.70 -35.13
C GLU A 71 -18.41 -19.22 -34.03
N GLY A 72 -18.82 -18.27 -33.21
CA GLY A 72 -17.97 -17.75 -32.16
C GLY A 72 -17.84 -16.25 -32.21
N LEU A 73 -16.62 -15.73 -32.03
CA LEU A 73 -16.35 -14.31 -32.05
C LEU A 73 -15.52 -13.97 -33.28
N ARG A 74 -15.98 -12.97 -34.02
CA ARG A 74 -15.24 -12.47 -35.18
C ARG A 74 -14.60 -11.14 -34.82
N PRO A 75 -13.29 -11.05 -34.67
CA PRO A 75 -12.68 -9.77 -34.26
C PRO A 75 -12.90 -8.71 -35.33
N VAL A 76 -13.53 -7.61 -34.93
CA VAL A 76 -13.79 -6.50 -35.83
C VAL A 76 -12.74 -5.42 -35.69
N LYS A 77 -12.36 -5.07 -34.46
CA LYS A 77 -11.35 -4.04 -34.28
C LYS A 77 -10.68 -4.20 -32.93
N GLU A 78 -9.51 -3.58 -32.81
CA GLU A 78 -8.79 -3.50 -31.54
C GLU A 78 -8.11 -2.14 -31.46
N VAL A 79 -8.35 -1.44 -30.37
CA VAL A 79 -7.95 -0.04 -30.22
C VAL A 79 -7.10 0.08 -28.97
N GLY A 80 -6.09 0.95 -29.02
CA GLY A 80 -5.28 1.27 -27.87
C GLY A 80 -5.74 2.58 -27.26
N MET A 81 -6.01 2.54 -25.95
CA MET A 81 -6.41 3.72 -25.21
C MET A 81 -5.25 4.23 -24.40
N TYR A 82 -5.13 5.56 -24.30
CA TYR A 82 -4.13 6.19 -23.46
C TYR A 82 -4.64 6.29 -22.02
N GLY A 83 -4.96 5.12 -21.47
CA GLY A 83 -5.45 5.06 -20.11
C GLY A 83 -5.86 3.65 -19.77
N LYS A 84 -6.06 3.43 -18.47
CA LYS A 84 -6.58 2.17 -17.96
C LYS A 84 -8.10 2.28 -17.90
N ILE A 85 -8.79 1.52 -18.74
CA ILE A 85 -10.23 1.58 -18.80
C ILE A 85 -10.79 1.08 -17.48
N ALA A 86 -11.39 1.98 -16.70
CA ALA A 86 -12.04 1.62 -15.45
C ALA A 86 -13.54 1.43 -15.60
N VAL A 87 -14.19 2.19 -16.48
CA VAL A 87 -15.62 2.08 -16.74
C VAL A 87 -15.81 1.94 -18.24
N MET A 88 -16.78 1.11 -18.63
CA MET A 88 -17.07 0.88 -20.04
C MET A 88 -18.53 0.49 -20.16
N GLU A 89 -19.35 1.39 -20.67
CA GLU A 89 -20.79 1.18 -20.78
C GLU A 89 -21.27 1.55 -22.17
N LEU A 90 -22.29 0.83 -22.64
CA LEU A 90 -22.96 1.10 -23.90
C LEU A 90 -24.34 1.66 -23.63
N PHE A 91 -24.71 2.70 -24.37
CA PHE A 91 -26.02 3.32 -24.23
C PHE A 91 -26.44 3.87 -25.58
N ARG A 92 -27.75 3.99 -25.77
CA ARG A 92 -28.33 4.46 -27.04
C ARG A 92 -29.33 5.56 -26.75
N PRO A 93 -28.89 6.81 -26.66
CA PRO A 93 -29.83 7.90 -26.40
C PRO A 93 -30.80 8.06 -27.55
N LYS A 94 -31.99 8.58 -27.23
CA LYS A 94 -33.03 8.73 -28.23
C LYS A 94 -32.50 9.47 -29.45
N GLY A 95 -32.81 8.94 -30.63
CA GLY A 95 -32.37 9.51 -31.88
C GLY A 95 -31.15 8.83 -32.48
N GLU A 96 -30.41 8.05 -31.69
CA GLU A 96 -29.25 7.33 -32.18
C GLU A 96 -29.65 5.97 -32.70
N SER A 97 -29.06 5.58 -33.83
CA SER A 97 -29.34 4.28 -34.43
C SER A 97 -28.45 3.17 -33.87
N LYS A 98 -27.36 3.52 -33.21
CA LYS A 98 -26.45 2.54 -32.64
C LYS A 98 -26.10 2.95 -31.21
N ASP A 99 -25.49 2.03 -30.48
CA ASP A 99 -25.03 2.33 -29.14
C ASP A 99 -23.81 3.24 -29.19
N LEU A 100 -23.74 4.16 -28.25
CA LEU A 100 -22.54 4.93 -27.98
C LEU A 100 -21.80 4.31 -26.80
N LEU A 101 -20.49 4.43 -26.79
CA LEU A 101 -19.65 3.79 -25.77
C LEU A 101 -19.09 4.86 -24.84
N PHE A 102 -19.46 4.79 -23.57
CA PHE A 102 -18.88 5.66 -22.56
C PHE A 102 -17.72 4.94 -21.89
N ILE A 103 -16.57 5.58 -21.87
CA ILE A 103 -15.37 5.02 -21.26
C ILE A 103 -14.78 6.05 -20.31
N LEU A 104 -14.47 5.60 -19.09
CA LEU A 104 -13.73 6.40 -18.12
C LEU A 104 -12.41 5.68 -17.84
N THR A 105 -11.32 6.45 -17.77
CA THR A 105 -10.02 5.88 -17.50
C THR A 105 -9.62 6.11 -16.04
N ALA A 106 -8.62 5.35 -15.59
CA ALA A 106 -8.20 5.43 -14.20
C ALA A 106 -7.72 6.82 -13.81
N LYS A 107 -7.33 7.64 -14.78
CA LYS A 107 -6.99 9.04 -14.52
C LYS A 107 -8.19 9.95 -14.74
N TYR A 108 -9.39 9.40 -14.86
CA TYR A 108 -10.65 10.14 -14.90
C TYR A 108 -10.88 10.84 -16.24
N ASN A 109 -10.28 10.35 -17.31
CA ASN A 109 -10.63 10.81 -18.65
C ASN A 109 -11.92 10.12 -19.07
N ALA A 110 -12.98 10.90 -19.26
CA ALA A 110 -14.26 10.38 -19.71
C ALA A 110 -14.44 10.70 -21.18
N CYS A 111 -15.05 9.78 -21.93
CA CYS A 111 -15.26 9.99 -23.34
C CYS A 111 -16.47 9.19 -23.81
N ILE A 112 -17.30 9.81 -24.63
CA ILE A 112 -18.38 9.14 -25.35
C ILE A 112 -17.93 8.99 -26.79
N LEU A 113 -17.83 7.74 -27.24
CA LEU A 113 -17.28 7.39 -28.54
C LEU A 113 -18.36 6.72 -29.39
N GLU A 114 -18.20 6.87 -30.70
CA GLU A 114 -19.10 6.28 -31.67
C GLU A 114 -18.28 5.47 -32.67
N TYR A 115 -18.91 4.43 -33.22
CA TYR A 115 -18.27 3.56 -34.19
C TYR A 115 -18.71 3.99 -35.59
N LYS A 116 -17.74 4.38 -36.41
CA LYS A 116 -17.99 4.81 -37.77
C LYS A 116 -17.21 3.92 -38.72
N GLN A 117 -17.89 3.38 -39.73
CA GLN A 117 -17.28 2.54 -40.74
C GLN A 117 -17.55 3.13 -42.12
N SER A 118 -16.50 3.47 -42.84
CA SER A 118 -16.59 4.01 -44.19
C SER A 118 -15.86 3.06 -45.12
N GLY A 119 -16.63 2.30 -45.90
CA GLY A 119 -16.02 1.25 -46.71
C GLY A 119 -15.35 0.24 -45.80
N GLU A 120 -14.05 0.03 -46.00
CA GLU A 120 -13.27 -0.86 -45.16
C GLU A 120 -12.53 -0.12 -44.05
N SER A 121 -12.72 1.19 -43.93
CA SER A 121 -12.01 1.99 -42.95
C SER A 121 -12.83 2.07 -41.66
N ILE A 122 -12.26 1.58 -40.56
CA ILE A 122 -12.90 1.60 -39.24
C ILE A 122 -12.20 2.64 -38.40
N ASP A 123 -12.99 3.48 -37.74
CA ASP A 123 -12.45 4.49 -36.83
C ASP A 123 -13.48 4.77 -35.74
N ILE A 124 -12.99 4.85 -34.50
CA ILE A 124 -13.84 5.11 -33.35
C ILE A 124 -13.92 6.62 -33.17
N ILE A 125 -15.09 7.19 -33.47
CA ILE A 125 -15.29 8.62 -33.34
C ILE A 125 -15.36 8.99 -31.86
N THR A 126 -15.00 10.23 -31.56
CA THR A 126 -15.06 10.78 -30.20
C THR A 126 -16.16 11.83 -30.18
N ARG A 127 -17.38 11.38 -29.84
CA ARG A 127 -18.52 12.29 -29.83
C ARG A 127 -18.38 13.34 -28.74
N ALA A 128 -17.81 12.96 -27.60
CA ALA A 128 -17.59 13.93 -26.53
C ALA A 128 -16.47 13.42 -25.64
N HIS A 129 -15.85 14.34 -24.90
CA HIS A 129 -14.80 13.93 -23.99
C HIS A 129 -14.53 15.04 -22.99
N GLY A 130 -13.90 14.66 -21.89
CA GLY A 130 -13.53 15.61 -20.85
C GLY A 130 -12.78 14.88 -19.75
N ASN A 131 -12.41 15.63 -18.72
CA ASN A 131 -11.77 15.09 -17.54
C ASN A 131 -12.63 15.42 -16.34
N VAL A 132 -13.08 14.39 -15.62
CA VAL A 132 -14.04 14.56 -14.54
C VAL A 132 -13.35 14.51 -13.18
N GLN A 133 -12.05 14.78 -13.12
CA GLN A 133 -11.35 14.80 -11.86
C GLN A 133 -11.80 15.99 -11.01
N ASP A 134 -11.81 15.79 -9.69
CA ASP A 134 -12.07 16.85 -8.73
C ASP A 134 -10.77 17.15 -7.99
N ARG A 135 -10.46 18.43 -7.84
CA ARG A 135 -9.20 18.80 -7.20
C ARG A 135 -9.14 18.34 -5.75
N ILE A 136 -10.28 18.04 -5.13
CA ILE A 136 -10.33 17.53 -3.77
C ILE A 136 -11.20 16.28 -3.74
N GLY A 137 -10.95 15.45 -2.73
CA GLY A 137 -11.73 14.25 -2.55
C GLY A 137 -10.89 13.01 -2.34
N ARG A 138 -11.29 12.18 -1.38
CA ARG A 138 -10.61 10.92 -1.11
C ARG A 138 -11.13 9.86 -2.07
N PRO A 139 -10.28 9.20 -2.86
CA PRO A 139 -10.78 8.11 -3.70
C PRO A 139 -11.51 7.06 -2.87
N SER A 140 -12.63 6.60 -3.40
CA SER A 140 -13.52 5.74 -2.62
C SER A 140 -12.84 4.43 -2.27
N GLU A 141 -13.29 3.83 -1.17
CA GLU A 141 -12.75 2.53 -0.77
C GLU A 141 -13.11 1.46 -1.78
N THR A 142 -14.34 1.49 -2.29
CA THR A 142 -14.83 0.48 -3.23
C THR A 142 -14.53 0.83 -4.68
N GLY A 143 -13.68 1.81 -4.93
CA GLY A 143 -13.25 2.10 -6.28
C GLY A 143 -14.26 2.90 -7.06
N ILE A 144 -13.90 3.16 -8.33
CA ILE A 144 -14.76 3.95 -9.21
C ILE A 144 -15.99 3.15 -9.58
N ILE A 145 -17.14 3.81 -9.57
CA ILE A 145 -18.40 3.22 -10.03
C ILE A 145 -18.95 4.12 -11.13
N GLY A 146 -19.37 3.52 -12.23
CA GLY A 146 -19.95 4.27 -13.33
C GLY A 146 -21.20 3.62 -13.86
N ILE A 147 -22.31 4.37 -13.90
CA ILE A 147 -23.60 3.85 -14.31
C ILE A 147 -24.27 4.86 -15.22
N ILE A 148 -25.23 4.39 -16.01
CA ILE A 148 -25.96 5.22 -16.95
C ILE A 148 -27.45 4.99 -16.75
N ASP A 149 -28.21 6.08 -16.80
CA ASP A 149 -29.65 5.98 -16.64
C ASP A 149 -30.24 5.14 -17.76
N PRO A 150 -31.22 4.28 -17.47
CA PRO A 150 -31.80 3.46 -18.55
C PRO A 150 -32.36 4.26 -19.70
N GLU A 151 -32.83 5.48 -19.45
CA GLU A 151 -33.29 6.36 -20.51
C GLU A 151 -32.16 7.23 -21.06
N CYS A 152 -30.94 7.01 -20.60
CA CYS A 152 -29.78 7.75 -21.09
C CYS A 152 -29.95 9.26 -20.87
N ARG A 153 -30.53 9.61 -19.73
CA ARG A 153 -30.67 11.02 -19.37
C ARG A 153 -29.41 11.58 -18.72
N MET A 154 -28.49 10.74 -18.27
CA MET A 154 -27.27 11.20 -17.62
C MET A 154 -26.40 10.00 -17.27
N ILE A 155 -25.20 10.30 -16.79
CA ILE A 155 -24.25 9.32 -16.30
C ILE A 155 -23.92 9.65 -14.86
N GLY A 156 -24.00 8.64 -14.00
CA GLY A 156 -23.69 8.80 -12.58
C GLY A 156 -22.38 8.11 -12.24
N LEU A 157 -21.49 8.87 -11.60
CA LEU A 157 -20.17 8.39 -11.22
C LEU A 157 -19.99 8.52 -9.72
N ARG A 158 -19.37 7.51 -9.13
CA ARG A 158 -18.97 7.51 -7.73
C ARG A 158 -17.46 7.32 -7.70
N LEU A 159 -16.73 8.42 -7.53
CA LEU A 159 -15.27 8.42 -7.51
C LEU A 159 -14.71 8.71 -6.12
N TYR A 160 -15.33 9.61 -5.37
CA TYR A 160 -14.87 9.98 -4.05
C TYR A 160 -16.01 9.81 -3.06
N ASP A 161 -15.65 9.53 -1.81
CA ASP A 161 -16.64 9.34 -0.77
C ASP A 161 -17.42 10.62 -0.54
N GLY A 162 -18.74 10.49 -0.36
CA GLY A 162 -19.58 11.61 -0.03
C GLY A 162 -20.02 12.46 -1.21
N LEU A 163 -19.63 12.11 -2.42
CA LEU A 163 -20.01 12.86 -3.60
C LEU A 163 -20.54 11.91 -4.67
N PHE A 164 -21.50 12.40 -5.45
CA PHE A 164 -22.04 11.66 -6.59
C PHE A 164 -22.00 12.60 -7.78
N LYS A 165 -21.19 12.27 -8.78
CA LYS A 165 -21.02 13.13 -9.94
C LYS A 165 -22.06 12.77 -10.99
N VAL A 166 -22.66 13.79 -11.58
CA VAL A 166 -23.69 13.62 -12.60
C VAL A 166 -23.23 14.34 -13.86
N ILE A 167 -23.20 13.61 -14.97
CA ILE A 167 -22.94 14.18 -16.29
C ILE A 167 -24.24 14.13 -17.07
N PRO A 168 -24.95 15.24 -17.24
CA PRO A 168 -26.14 15.20 -18.09
C PRO A 168 -25.79 14.72 -19.49
N LEU A 169 -26.56 13.75 -19.97
CA LEU A 169 -26.32 13.18 -21.29
C LEU A 169 -27.06 13.96 -22.37
N ASP A 170 -26.86 15.27 -22.36
CA ASP A 170 -27.39 16.14 -23.39
C ASP A 170 -26.37 16.26 -24.51
N ARG A 171 -26.84 16.15 -25.75
CA ARG A 171 -25.94 16.15 -26.89
C ARG A 171 -25.14 17.44 -27.00
N ASP A 172 -25.59 18.51 -26.35
CA ASP A 172 -24.84 19.76 -26.34
C ASP A 172 -23.69 19.73 -25.35
N ASN A 173 -23.67 18.78 -24.42
CA ASN A 173 -22.62 18.70 -23.41
C ASN A 173 -21.45 17.89 -23.97
N LYS A 174 -20.77 18.50 -24.94
CA LYS A 174 -19.67 17.83 -25.63
C LYS A 174 -18.39 17.79 -24.81
N GLU A 175 -18.28 18.61 -23.77
CA GLU A 175 -17.13 18.58 -22.88
C GLU A 175 -17.35 17.71 -21.66
N LEU A 176 -18.48 17.02 -21.58
CA LEU A 176 -18.84 16.20 -20.43
C LEU A 176 -18.64 16.97 -19.13
N LYS A 177 -19.35 18.09 -19.03
CA LYS A 177 -19.31 18.91 -17.83
C LYS A 177 -20.26 18.33 -16.80
N ALA A 178 -19.71 17.91 -15.67
CA ALA A 178 -20.47 17.25 -14.62
C ALA A 178 -20.63 18.17 -13.42
N PHE A 179 -21.57 17.81 -12.56
CA PHE A 179 -21.76 18.50 -11.30
C PHE A 179 -21.90 17.49 -10.17
N ASN A 180 -21.45 17.88 -8.99
CA ASN A 180 -21.48 17.01 -7.83
C ASN A 180 -22.75 17.21 -7.02
N ILE A 181 -23.23 16.12 -6.43
CA ILE A 181 -24.31 16.15 -5.46
C ILE A 181 -23.81 15.48 -4.20
N ARG A 182 -23.97 16.17 -3.07
CA ARG A 182 -23.46 15.63 -1.81
C ARG A 182 -24.24 14.39 -1.42
N LEU A 183 -23.51 13.37 -0.97
CA LEU A 183 -24.09 12.14 -0.45
C LEU A 183 -23.92 12.12 1.06
N GLU A 184 -25.00 11.86 1.78
CA GLU A 184 -24.93 11.80 3.23
C GLU A 184 -24.33 10.48 3.70
N GLU A 185 -24.31 9.47 2.85
CA GLU A 185 -23.74 8.17 3.16
C GLU A 185 -22.34 8.11 2.56
N LEU A 186 -21.33 8.11 3.41
CA LEU A 186 -19.95 8.12 2.92
C LEU A 186 -19.53 6.75 2.42
N HIS A 187 -19.96 5.68 3.08
CA HIS A 187 -19.52 4.33 2.75
C HIS A 187 -20.55 3.64 1.86
N VAL A 188 -20.66 4.15 0.63
CA VAL A 188 -21.52 3.53 -0.36
C VAL A 188 -20.80 2.32 -0.94
N ILE A 189 -21.47 1.17 -0.93
CA ILE A 189 -20.87 -0.06 -1.43
C ILE A 189 -21.22 -0.30 -2.90
N ASP A 190 -22.48 -0.11 -3.27
CA ASP A 190 -22.85 -0.29 -4.67
C ASP A 190 -24.03 0.63 -4.99
N VAL A 191 -24.21 0.93 -6.27
CA VAL A 191 -25.25 1.84 -6.71
C VAL A 191 -25.63 1.51 -8.14
N LYS A 192 -26.92 1.66 -8.45
CA LYS A 192 -27.44 1.39 -9.78
C LYS A 192 -28.58 2.34 -10.07
N PHE A 193 -28.90 2.48 -11.35
CA PHE A 193 -30.05 3.26 -11.78
C PHE A 193 -31.25 2.34 -11.95
N LEU A 194 -32.38 2.73 -11.38
CA LEU A 194 -33.56 1.87 -11.44
C LEU A 194 -34.30 2.06 -12.76
N TYR A 195 -35.07 1.03 -13.14
CA TYR A 195 -35.88 1.05 -14.34
C TYR A 195 -37.31 1.46 -14.01
N GLY A 196 -38.00 1.96 -15.03
CA GLY A 196 -39.40 2.29 -14.90
C GLY A 196 -39.69 3.38 -13.88
N CYS A 197 -38.93 4.46 -13.93
CA CYS A 197 -39.14 5.61 -13.05
C CYS A 197 -39.25 6.87 -13.90
N GLN A 198 -40.17 7.76 -13.52
CA GLN A 198 -40.34 9.01 -14.25
C GLN A 198 -39.14 9.93 -14.09
N ALA A 199 -38.31 9.72 -13.07
CA ALA A 199 -37.10 10.49 -12.85
C ALA A 199 -35.93 9.53 -12.66
N PRO A 200 -34.72 9.96 -12.96
CA PRO A 200 -33.58 9.02 -12.92
C PRO A 200 -33.24 8.60 -11.50
N THR A 201 -34.00 7.65 -10.97
CA THR A 201 -33.82 7.16 -9.62
C THR A 201 -32.60 6.25 -9.53
N ILE A 202 -31.91 6.32 -8.39
CA ILE A 202 -30.79 5.45 -8.08
C ILE A 202 -31.10 4.68 -6.81
N CYS A 203 -30.71 3.41 -6.79
CA CYS A 203 -30.78 2.56 -5.60
C CYS A 203 -29.37 2.11 -5.25
N PHE A 204 -28.98 2.29 -4.00
CA PHE A 204 -27.61 1.99 -3.59
C PHE A 204 -27.58 1.35 -2.22
N VAL A 205 -26.65 0.42 -2.05
CA VAL A 205 -26.38 -0.22 -0.77
C VAL A 205 -25.15 0.44 -0.17
N TYR A 206 -25.29 0.89 1.08
CA TYR A 206 -24.23 1.57 1.82
C TYR A 206 -24.15 0.99 3.22
N GLN A 207 -23.12 1.42 3.96
CA GLN A 207 -22.83 0.90 5.28
C GLN A 207 -22.62 2.04 6.26
N ASP A 208 -23.00 1.79 7.52
CA ASP A 208 -22.84 2.74 8.61
C ASP A 208 -22.69 1.92 9.90
N PRO A 209 -22.44 2.55 11.04
CA PRO A 209 -22.24 1.75 12.26
C PRO A 209 -23.41 0.86 12.62
N GLN A 210 -24.61 1.15 12.13
CA GLN A 210 -25.79 0.35 12.42
C GLN A 210 -25.96 -0.83 11.47
N GLY A 211 -25.07 -1.01 10.51
CA GLY A 211 -25.16 -2.09 9.55
C GLY A 211 -25.19 -1.61 8.12
N ARG A 212 -25.74 -2.42 7.22
CA ARG A 212 -25.82 -2.06 5.81
C ARG A 212 -27.27 -1.87 5.41
N HIS A 213 -27.52 -0.79 4.67
CA HIS A 213 -28.88 -0.42 4.27
C HIS A 213 -28.91 -0.15 2.77
N VAL A 214 -30.07 -0.44 2.17
CA VAL A 214 -30.36 -0.10 0.79
C VAL A 214 -31.26 1.13 0.79
N LYS A 215 -30.83 2.18 0.11
CA LYS A 215 -31.52 3.45 0.10
C LYS A 215 -31.67 3.93 -1.34
N THR A 216 -32.73 4.68 -1.59
CA THR A 216 -33.05 5.14 -2.93
C THR A 216 -33.12 6.66 -2.95
N TYR A 217 -32.62 7.24 -4.04
CA TYR A 217 -32.68 8.68 -4.26
C TYR A 217 -33.26 8.93 -5.64
N GLU A 218 -33.79 10.12 -5.84
CA GLU A 218 -34.34 10.55 -7.13
C GLU A 218 -33.57 11.77 -7.59
N VAL A 219 -32.73 11.61 -8.58
CA VAL A 219 -31.85 12.70 -9.02
C VAL A 219 -32.64 13.69 -9.85
N SER A 220 -32.38 14.97 -9.64
CA SER A 220 -33.01 16.05 -10.40
C SER A 220 -31.92 16.87 -11.06
N LEU A 221 -31.91 16.88 -12.39
CA LEU A 221 -30.92 17.64 -13.13
C LEU A 221 -31.23 19.13 -13.08
N ARG A 222 -32.50 19.49 -13.18
CA ARG A 222 -32.87 20.90 -13.14
C ARG A 222 -32.40 21.55 -11.85
N GLU A 223 -32.70 20.92 -10.72
CA GLU A 223 -32.27 21.41 -9.42
C GLU A 223 -30.88 20.92 -9.03
N LYS A 224 -30.31 19.99 -9.79
CA LYS A 224 -28.96 19.48 -9.53
C LYS A 224 -28.87 18.91 -8.11
N GLU A 225 -29.86 18.10 -7.73
CA GLU A 225 -29.90 17.66 -6.34
C GLU A 225 -30.69 16.37 -6.23
N PHE A 226 -30.54 15.71 -5.09
CA PHE A 226 -31.30 14.50 -4.80
C PHE A 226 -32.69 14.86 -4.29
N ASN A 227 -33.60 13.89 -4.38
CA ASN A 227 -34.93 13.99 -3.83
C ASN A 227 -35.28 12.65 -3.20
N LYS A 228 -36.30 12.68 -2.35
CA LYS A 228 -36.72 11.47 -1.64
C LYS A 228 -36.92 10.33 -2.62
N GLY A 229 -36.31 9.19 -2.33
CA GLY A 229 -36.39 8.04 -3.19
C GLY A 229 -37.79 7.48 -3.24
N PRO A 230 -38.06 6.62 -4.22
CA PRO A 230 -39.42 6.11 -4.38
C PRO A 230 -39.94 5.34 -3.16
N TRP A 231 -39.29 4.24 -2.75
CA TRP A 231 -39.89 3.40 -1.72
C TRP A 231 -39.57 3.86 -0.31
N LYS A 232 -38.33 3.67 0.13
CA LYS A 232 -37.92 3.96 1.50
C LYS A 232 -36.48 3.50 1.66
N GLN A 233 -35.92 3.78 2.83
CA GLN A 233 -34.71 3.10 3.26
C GLN A 233 -35.07 1.74 3.84
N GLU A 234 -34.18 0.77 3.67
CA GLU A 234 -34.42 -0.58 4.15
C GLU A 234 -33.10 -1.18 4.61
N ASN A 235 -33.18 -2.11 5.56
CA ASN A 235 -32.01 -2.81 6.08
C ASN A 235 -31.80 -4.11 5.30
N VAL A 236 -30.53 -4.43 5.04
CA VAL A 236 -30.15 -5.56 4.21
C VAL A 236 -29.18 -6.43 4.99
N GLU A 237 -28.72 -7.50 4.34
CA GLU A 237 -27.79 -8.41 4.96
C GLU A 237 -26.49 -7.70 5.31
N ALA A 238 -25.86 -8.13 6.41
CA ALA A 238 -24.64 -7.48 6.86
C ALA A 238 -23.55 -7.49 5.79
N GLU A 239 -23.60 -8.46 4.88
CA GLU A 239 -22.60 -8.60 3.83
C GLU A 239 -23.15 -8.29 2.45
N ALA A 240 -24.27 -7.58 2.37
CA ALA A 240 -24.81 -7.19 1.07
C ALA A 240 -23.76 -6.40 0.30
N SER A 241 -23.52 -6.82 -0.93
CA SER A 241 -22.47 -6.20 -1.74
C SER A 241 -22.94 -5.78 -3.12
N MET A 242 -23.84 -6.53 -3.74
CA MET A 242 -24.19 -6.34 -5.14
C MET A 242 -25.62 -5.84 -5.29
N VAL A 243 -25.79 -4.89 -6.21
CA VAL A 243 -27.10 -4.33 -6.54
C VAL A 243 -27.36 -4.55 -8.02
N ILE A 244 -28.53 -5.10 -8.34
CA ILE A 244 -28.95 -5.36 -9.71
C ILE A 244 -30.26 -4.62 -9.95
N ALA A 245 -30.30 -3.79 -10.99
CA ALA A 245 -31.49 -3.02 -11.33
C ALA A 245 -32.31 -3.86 -12.31
N VAL A 246 -33.34 -4.51 -11.80
CA VAL A 246 -34.16 -5.39 -12.66
C VAL A 246 -34.97 -4.52 -13.63
N PRO A 247 -35.08 -4.88 -14.90
CA PRO A 247 -35.84 -4.07 -15.85
C PRO A 247 -37.34 -4.29 -15.68
N GLU A 248 -38.10 -3.63 -16.55
CA GLU A 248 -39.54 -3.80 -16.56
C GLU A 248 -39.90 -5.18 -17.11
N PRO A 249 -41.08 -5.71 -16.75
CA PRO A 249 -42.13 -5.12 -15.92
C PRO A 249 -41.90 -5.32 -14.43
N PHE A 250 -40.84 -6.04 -14.04
CA PHE A 250 -40.54 -6.21 -12.62
C PHE A 250 -40.25 -4.87 -11.96
N GLY A 251 -39.18 -4.22 -12.38
CA GLY A 251 -38.71 -3.05 -11.67
C GLY A 251 -38.01 -3.47 -10.38
N GLY A 252 -37.79 -2.48 -9.53
CA GLY A 252 -37.17 -2.78 -8.26
C GLY A 252 -35.70 -3.12 -8.42
N ALA A 253 -35.16 -3.81 -7.41
CA ALA A 253 -33.75 -4.15 -7.38
C ALA A 253 -33.56 -5.46 -6.65
N ILE A 254 -32.41 -6.08 -6.92
CA ILE A 254 -32.00 -7.32 -6.29
C ILE A 254 -30.69 -7.07 -5.57
N ILE A 255 -30.66 -7.35 -4.27
CA ILE A 255 -29.46 -7.20 -3.47
C ILE A 255 -28.91 -8.59 -3.21
N ILE A 256 -27.64 -8.79 -3.57
CA ILE A 256 -26.96 -10.06 -3.42
C ILE A 256 -25.81 -9.89 -2.43
N GLY A 257 -25.82 -10.71 -1.38
CA GLY A 257 -24.78 -10.69 -0.38
C GLY A 257 -24.15 -12.06 -0.19
N GLN A 258 -23.56 -12.30 0.97
CA GLN A 258 -22.85 -13.56 1.19
C GLN A 258 -23.81 -14.73 1.31
N GLU A 259 -24.90 -14.56 2.06
CA GLU A 259 -25.78 -15.68 2.39
C GLU A 259 -27.17 -15.57 1.81
N SER A 260 -27.61 -14.40 1.38
CA SER A 260 -28.99 -14.21 0.95
C SER A 260 -29.04 -13.39 -0.33
N ILE A 261 -30.10 -13.64 -1.10
CA ILE A 261 -30.45 -12.82 -2.25
C ILE A 261 -31.86 -12.30 -2.01
N THR A 262 -32.02 -10.98 -2.03
CA THR A 262 -33.28 -10.34 -1.71
C THR A 262 -33.71 -9.45 -2.86
N TYR A 263 -35.02 -9.24 -2.95
CA TYR A 263 -35.62 -8.40 -3.98
C TYR A 263 -36.48 -7.35 -3.29
N HIS A 264 -36.21 -6.08 -3.58
CA HIS A 264 -36.95 -4.96 -3.02
C HIS A 264 -37.59 -4.17 -4.14
N ASN A 265 -38.89 -3.91 -4.02
CA ASN A 265 -39.58 -3.08 -5.01
C ASN A 265 -40.78 -2.45 -4.32
N GLY A 266 -40.66 -1.17 -3.99
CA GLY A 266 -41.73 -0.52 -3.25
C GLY A 266 -41.89 -1.20 -1.91
N ASP A 267 -43.14 -1.56 -1.57
CA ASP A 267 -43.39 -2.31 -0.36
C ASP A 267 -43.13 -3.80 -0.53
N LYS A 268 -43.03 -4.28 -1.77
CA LYS A 268 -42.81 -5.70 -2.01
C LYS A 268 -41.38 -6.09 -1.63
N TYR A 269 -41.27 -7.16 -0.84
CA TYR A 269 -39.99 -7.67 -0.39
C TYR A 269 -39.99 -9.17 -0.55
N LEU A 270 -38.85 -9.71 -1.00
CA LEU A 270 -38.68 -11.14 -1.20
C LEU A 270 -37.26 -11.50 -0.78
N ALA A 271 -37.08 -12.73 -0.28
CA ALA A 271 -35.76 -13.13 0.16
C ALA A 271 -35.59 -14.63 -0.04
N ILE A 272 -34.34 -15.04 -0.26
CA ILE A 272 -33.96 -16.44 -0.30
C ILE A 272 -32.55 -16.55 0.28
N ALA A 273 -32.25 -17.70 0.87
CA ALA A 273 -30.95 -17.98 1.46
C ALA A 273 -30.47 -19.34 0.99
N PRO A 274 -30.18 -19.48 -0.30
CA PRO A 274 -29.74 -20.77 -0.82
C PRO A 274 -28.41 -21.16 -0.21
N PRO A 275 -28.23 -22.44 0.13
CA PRO A 275 -26.96 -22.88 0.73
C PRO A 275 -25.84 -23.08 -0.28
N ILE A 276 -26.15 -23.15 -1.58
CA ILE A 276 -25.12 -23.38 -2.58
C ILE A 276 -24.16 -22.19 -2.66
N ILE A 277 -24.67 -20.97 -2.48
CA ILE A 277 -23.87 -19.77 -2.69
C ILE A 277 -23.14 -19.37 -1.41
N LYS A 278 -23.17 -20.23 -0.40
CA LYS A 278 -22.61 -19.86 0.90
C LYS A 278 -21.13 -20.19 1.05
N GLN A 279 -20.52 -20.89 0.09
CA GLN A 279 -19.12 -21.27 0.18
C GLN A 279 -18.21 -20.41 -0.68
N SER A 280 -18.73 -19.32 -1.25
CA SER A 280 -17.92 -18.41 -2.04
C SER A 280 -18.71 -17.16 -2.33
N THR A 281 -18.00 -16.04 -2.42
CA THR A 281 -18.63 -14.75 -2.66
C THR A 281 -18.96 -14.61 -4.14
N ILE A 282 -20.20 -14.20 -4.43
CA ILE A 282 -20.60 -13.89 -5.80
C ILE A 282 -20.12 -12.48 -6.12
N VAL A 283 -19.31 -12.36 -7.19
CA VAL A 283 -18.60 -11.11 -7.44
C VAL A 283 -19.04 -10.48 -8.76
N CYS A 284 -19.47 -11.29 -9.71
CA CYS A 284 -19.85 -10.79 -11.03
C CYS A 284 -21.24 -11.30 -11.39
N HIS A 285 -21.89 -10.59 -12.30
CA HIS A 285 -23.22 -10.96 -12.74
C HIS A 285 -23.48 -10.40 -14.14
N ASN A 286 -24.57 -10.86 -14.74
CA ASN A 286 -24.96 -10.40 -16.06
C ASN A 286 -26.40 -10.82 -16.32
N ARG A 287 -27.17 -9.92 -16.93
CA ARG A 287 -28.56 -10.22 -17.26
C ARG A 287 -28.63 -11.03 -18.54
N VAL A 288 -29.33 -12.15 -18.49
CA VAL A 288 -29.45 -13.04 -19.64
C VAL A 288 -30.60 -12.63 -20.54
N ASP A 289 -31.80 -12.44 -19.97
CA ASP A 289 -32.96 -12.13 -20.77
C ASP A 289 -33.23 -10.63 -20.77
N PRO A 290 -33.76 -10.09 -21.87
CA PRO A 290 -34.04 -8.64 -21.90
C PRO A 290 -35.00 -8.19 -20.82
N ASN A 291 -35.97 -9.02 -20.44
CA ASN A 291 -36.96 -8.65 -19.44
C ASN A 291 -36.48 -8.94 -18.01
N GLY A 292 -35.24 -9.38 -17.84
CA GLY A 292 -34.68 -9.57 -16.52
C GLY A 292 -35.12 -10.84 -15.82
N SER A 293 -35.64 -11.81 -16.56
CA SER A 293 -36.11 -13.05 -15.94
C SER A 293 -34.98 -14.02 -15.61
N ARG A 294 -33.77 -13.79 -16.13
CA ARG A 294 -32.64 -14.66 -15.85
C ARG A 294 -31.37 -13.83 -15.73
N TYR A 295 -30.52 -14.22 -14.78
CA TYR A 295 -29.24 -13.58 -14.55
C TYR A 295 -28.16 -14.64 -14.40
N LEU A 296 -26.96 -14.32 -14.85
CA LEU A 296 -25.79 -15.15 -14.61
C LEU A 296 -25.02 -14.59 -13.43
N LEU A 297 -24.54 -15.47 -12.56
CA LEU A 297 -23.74 -15.09 -11.41
C LEU A 297 -22.46 -15.91 -11.40
N GLY A 298 -21.40 -15.30 -10.88
CA GLY A 298 -20.13 -15.99 -10.79
C GLY A 298 -19.44 -15.76 -9.46
N ASP A 299 -18.92 -16.82 -8.85
CA ASP A 299 -18.26 -16.71 -7.57
C ASP A 299 -16.75 -16.59 -7.76
N MET A 300 -16.04 -16.49 -6.63
CA MET A 300 -14.59 -16.29 -6.66
C MET A 300 -13.82 -17.57 -6.93
N GLU A 301 -14.46 -18.73 -6.87
CA GLU A 301 -13.81 -20.00 -7.09
C GLU A 301 -14.16 -20.61 -8.45
N GLY A 302 -14.70 -19.80 -9.36
CA GLY A 302 -14.99 -20.25 -10.70
C GLY A 302 -16.35 -20.88 -10.90
N ARG A 303 -17.19 -20.94 -9.87
CA ARG A 303 -18.53 -21.46 -10.03
C ARG A 303 -19.42 -20.46 -10.75
N LEU A 304 -20.26 -20.96 -11.65
CA LEU A 304 -21.20 -20.16 -12.41
C LEU A 304 -22.60 -20.65 -12.08
N PHE A 305 -23.43 -19.73 -11.56
CA PHE A 305 -24.80 -19.99 -11.19
C PHE A 305 -25.74 -19.24 -12.12
N MET A 306 -27.00 -19.69 -12.13
CA MET A 306 -28.09 -18.99 -12.79
C MET A 306 -29.11 -18.59 -11.74
N LEU A 307 -29.57 -17.35 -11.83
CA LEU A 307 -30.61 -16.81 -10.96
C LEU A 307 -31.86 -16.60 -11.80
N LEU A 308 -32.96 -17.19 -11.37
CA LEU A 308 -34.21 -17.18 -12.13
C LEU A 308 -35.27 -16.43 -11.36
N LEU A 309 -36.03 -15.59 -12.07
CA LEU A 309 -37.08 -14.76 -11.49
C LEU A 309 -38.42 -15.29 -11.97
N GLU A 310 -39.15 -15.95 -11.09
CA GLU A 310 -40.46 -16.51 -11.43
C GLU A 310 -41.51 -15.41 -11.32
N LYS A 311 -42.25 -15.19 -12.40
CA LYS A 311 -43.22 -14.11 -12.47
C LYS A 311 -44.63 -14.66 -12.56
N GLU A 312 -45.58 -13.92 -11.97
CA GLU A 312 -46.99 -14.28 -12.01
C GLU A 312 -47.79 -13.01 -12.27
N GLU A 313 -48.75 -13.11 -13.19
CA GLU A 313 -49.60 -11.99 -13.55
C GLU A 313 -50.79 -11.91 -12.60
N GLN A 314 -51.14 -10.69 -12.21
CA GLN A 314 -52.26 -10.46 -11.31
C GLN A 314 -53.52 -10.05 -12.07
N THR A 318 -50.80 -6.52 -14.75
CA THR A 318 -49.59 -6.22 -14.00
C THR A 318 -48.84 -7.49 -13.66
N VAL A 319 -47.53 -7.47 -13.89
CA VAL A 319 -46.66 -8.62 -13.61
C VAL A 319 -45.86 -8.33 -12.34
N THR A 320 -45.79 -9.31 -11.45
CA THR A 320 -45.06 -9.20 -10.21
C THR A 320 -44.21 -10.44 -9.99
N LEU A 321 -43.12 -10.26 -9.25
CA LEU A 321 -42.22 -11.36 -8.96
C LEU A 321 -42.87 -12.35 -7.99
N LYS A 322 -42.68 -13.63 -8.26
CA LYS A 322 -43.25 -14.70 -7.45
C LYS A 322 -42.25 -15.39 -6.55
N ASP A 323 -41.05 -15.68 -7.05
CA ASP A 323 -40.03 -16.37 -6.27
C ASP A 323 -38.69 -16.19 -6.95
N LEU A 324 -37.63 -16.54 -6.23
CA LEU A 324 -36.26 -16.49 -6.72
C LEU A 324 -35.61 -17.86 -6.51
N ARG A 325 -35.00 -18.39 -7.56
CA ARG A 325 -34.34 -19.68 -7.52
C ARG A 325 -32.93 -19.54 -8.08
N VAL A 326 -31.97 -20.21 -7.45
CA VAL A 326 -30.57 -20.19 -7.85
C VAL A 326 -30.15 -21.60 -8.20
N GLU A 327 -29.51 -21.75 -9.37
CA GLU A 327 -29.03 -23.04 -9.84
C GLU A 327 -27.54 -22.94 -10.14
N LEU A 328 -26.82 -24.03 -9.88
CA LEU A 328 -25.39 -24.10 -10.14
C LEU A 328 -25.20 -24.58 -11.57
N LEU A 329 -25.00 -23.66 -12.50
CA LEU A 329 -24.82 -24.03 -13.90
C LEU A 329 -23.60 -24.91 -14.07
N GLY A 330 -22.48 -24.52 -13.48
CA GLY A 330 -21.27 -25.30 -13.65
C GLY A 330 -20.04 -24.59 -13.15
N GLU A 331 -18.90 -24.91 -13.77
CA GLU A 331 -17.61 -24.38 -13.37
C GLU A 331 -16.90 -23.80 -14.58
N THR A 332 -16.40 -22.59 -14.45
CA THR A 332 -15.60 -21.93 -15.47
C THR A 332 -14.30 -21.45 -14.84
N SER A 333 -13.47 -20.80 -15.64
CA SER A 333 -12.29 -20.16 -15.09
C SER A 333 -12.73 -19.02 -14.16
N ILE A 334 -11.91 -18.75 -13.16
CA ILE A 334 -12.29 -17.76 -12.15
C ILE A 334 -12.61 -16.45 -12.87
N ALA A 335 -13.86 -16.03 -12.79
CA ALA A 335 -14.38 -15.00 -13.66
C ALA A 335 -14.27 -13.62 -13.03
N GLU A 336 -13.71 -12.67 -13.78
CA GLU A 336 -13.78 -11.27 -13.42
C GLU A 336 -15.05 -10.61 -13.94
N CYS A 337 -15.56 -11.08 -15.07
CA CYS A 337 -16.80 -10.56 -15.63
C CYS A 337 -17.42 -11.64 -16.51
N LEU A 338 -18.74 -11.58 -16.65
CA LEU A 338 -19.48 -12.50 -17.49
C LEU A 338 -20.36 -11.69 -18.43
N THR A 339 -20.59 -12.24 -19.62
CA THR A 339 -21.54 -11.61 -20.53
C THR A 339 -22.18 -12.67 -21.42
N TYR A 340 -23.50 -12.68 -21.48
CA TYR A 340 -24.25 -13.63 -22.26
C TYR A 340 -24.45 -13.08 -23.66
N LEU A 341 -23.91 -13.76 -24.67
CA LEU A 341 -23.95 -13.24 -26.03
C LEU A 341 -25.23 -13.65 -26.75
N ASP A 342 -25.44 -14.95 -26.95
CA ASP A 342 -26.65 -15.43 -27.60
C ASP A 342 -26.60 -16.96 -27.67
N ASN A 343 -27.77 -17.56 -27.85
CA ASN A 343 -27.88 -18.99 -28.08
C ASN A 343 -27.12 -19.79 -27.03
N GLY A 344 -27.22 -19.36 -25.78
CA GLY A 344 -26.58 -20.08 -24.70
C GLY A 344 -25.08 -19.94 -24.64
N VAL A 345 -24.51 -18.98 -25.33
CA VAL A 345 -23.07 -18.75 -25.33
C VAL A 345 -22.76 -17.64 -24.35
N VAL A 346 -21.73 -17.85 -23.54
CA VAL A 346 -21.33 -16.91 -22.50
C VAL A 346 -19.83 -16.68 -22.62
N PHE A 347 -19.41 -15.42 -22.55
CA PHE A 347 -18.01 -15.06 -22.49
C PHE A 347 -17.65 -14.78 -21.04
N VAL A 348 -16.59 -15.43 -20.58
CA VAL A 348 -16.09 -15.33 -19.21
C VAL A 348 -14.73 -14.65 -19.28
N GLY A 349 -14.67 -13.38 -18.88
CA GLY A 349 -13.41 -12.69 -18.82
C GLY A 349 -12.78 -12.83 -17.44
N SER A 350 -11.55 -13.31 -17.39
CA SER A 350 -10.88 -13.61 -16.13
C SER A 350 -9.55 -12.88 -16.05
N ARG A 351 -9.18 -12.53 -14.83
CA ARG A 351 -7.88 -11.93 -14.55
C ARG A 351 -6.84 -12.97 -14.15
N LEU A 352 -7.26 -14.05 -13.49
CA LEU A 352 -6.34 -15.04 -12.97
C LEU A 352 -6.08 -16.20 -13.93
N GLY A 353 -6.81 -16.28 -15.05
CA GLY A 353 -6.62 -17.39 -15.95
C GLY A 353 -7.09 -17.03 -17.34
N ASP A 354 -7.05 -18.03 -18.22
CA ASP A 354 -7.48 -17.82 -19.59
C ASP A 354 -8.96 -17.46 -19.62
N SER A 355 -9.31 -16.48 -20.45
CA SER A 355 -10.71 -16.17 -20.65
C SER A 355 -11.36 -17.30 -21.44
N GLN A 356 -12.68 -17.37 -21.39
CA GLN A 356 -13.38 -18.52 -21.94
C GLN A 356 -14.60 -18.09 -22.73
N LEU A 357 -14.96 -18.94 -23.70
CA LEU A 357 -16.23 -18.89 -24.39
C LEU A 357 -16.88 -20.23 -24.16
N VAL A 358 -17.94 -20.26 -23.35
CA VAL A 358 -18.58 -21.48 -22.92
C VAL A 358 -20.02 -21.48 -23.44
N LYS A 359 -20.65 -22.65 -23.40
CA LYS A 359 -22.02 -22.81 -23.85
C LYS A 359 -22.87 -23.38 -22.72
N LEU A 360 -24.05 -22.80 -22.54
CA LEU A 360 -25.00 -23.29 -21.54
C LEU A 360 -25.94 -24.28 -22.22
N ASN A 361 -25.85 -25.54 -21.84
CA ASN A 361 -26.70 -26.58 -22.40
C ASN A 361 -28.02 -26.63 -21.65
N VAL A 362 -29.05 -27.13 -22.34
CA VAL A 362 -30.37 -27.21 -21.73
C VAL A 362 -30.39 -28.26 -20.62
N ASP A 363 -29.67 -29.37 -20.83
CA ASP A 363 -29.67 -30.48 -19.89
C ASP A 363 -28.23 -30.80 -19.47
N SER A 364 -28.08 -31.24 -18.23
CA SER A 364 -26.76 -31.50 -17.68
C SER A 364 -26.13 -32.73 -18.32
N ASN A 365 -24.81 -32.80 -18.25
CA ASN A 365 -24.06 -33.94 -18.77
C ASN A 365 -23.85 -34.95 -17.64
N GLU A 366 -22.98 -35.94 -17.88
CA GLU A 366 -22.84 -37.04 -16.93
C GLU A 366 -22.32 -36.61 -15.58
N GLN A 367 -21.59 -35.49 -15.50
CA GLN A 367 -21.10 -34.98 -14.23
C GLN A 367 -21.96 -33.86 -13.67
N GLY A 368 -23.13 -33.61 -14.27
CA GLY A 368 -24.03 -32.62 -13.74
C GLY A 368 -23.67 -31.18 -14.03
N SER A 369 -22.84 -30.94 -15.05
CA SER A 369 -22.41 -29.60 -15.43
C SER A 369 -23.13 -29.19 -16.70
N TYR A 370 -23.75 -28.01 -16.67
CA TYR A 370 -24.42 -27.45 -17.84
C TYR A 370 -23.48 -26.64 -18.72
N VAL A 371 -22.22 -26.49 -18.31
CA VAL A 371 -21.27 -25.62 -18.98
C VAL A 371 -20.25 -26.47 -19.71
N VAL A 372 -20.06 -26.20 -21.00
CA VAL A 372 -19.04 -26.85 -21.81
C VAL A 372 -18.25 -25.76 -22.51
N ALA A 373 -16.93 -25.80 -22.37
CA ALA A 373 -16.08 -24.76 -22.93
C ALA A 373 -15.97 -24.92 -24.44
N MET A 374 -16.19 -23.83 -25.17
CA MET A 374 -16.04 -23.80 -26.62
C MET A 374 -14.68 -23.26 -27.05
N GLU A 375 -14.23 -22.18 -26.42
CA GLU A 375 -12.97 -21.54 -26.78
C GLU A 375 -12.26 -21.06 -25.54
N THR A 376 -10.94 -20.95 -25.62
CA THR A 376 -10.12 -20.42 -24.55
C THR A 376 -9.18 -19.37 -25.12
N PHE A 377 -9.16 -18.20 -24.50
CA PHE A 377 -8.31 -17.09 -24.90
C PHE A 377 -7.18 -16.94 -23.90
N THR A 378 -5.96 -16.89 -24.40
CA THR A 378 -4.78 -16.92 -23.55
C THR A 378 -4.74 -15.70 -22.62
N ASN A 379 -4.28 -15.93 -21.40
CA ASN A 379 -4.07 -14.86 -20.42
C ASN A 379 -2.81 -15.19 -19.64
N LEU A 380 -1.76 -14.40 -19.86
CA LEU A 380 -0.48 -14.65 -19.18
C LEU A 380 -0.43 -14.09 -17.78
N GLY A 381 -1.40 -13.28 -17.38
CA GLY A 381 -1.35 -12.62 -16.10
C GLY A 381 -2.05 -13.40 -15.02
N PRO A 382 -1.67 -13.17 -13.76
CA PRO A 382 -0.56 -12.33 -13.30
C PRO A 382 0.78 -13.02 -13.47
N ILE A 383 1.81 -12.31 -13.91
CA ILE A 383 3.15 -12.88 -13.99
C ILE A 383 3.86 -12.54 -12.69
N VAL A 384 4.04 -13.54 -11.83
CA VAL A 384 4.65 -13.31 -10.53
C VAL A 384 6.16 -13.54 -10.56
N ASP A 385 6.66 -14.33 -11.51
CA ASP A 385 8.09 -14.53 -11.67
C ASP A 385 8.34 -15.06 -13.07
N MET A 386 9.58 -14.96 -13.52
CA MET A 386 9.93 -15.50 -14.82
C MET A 386 11.45 -15.63 -14.91
N CYS A 387 11.87 -16.41 -15.90
CA CYS A 387 13.29 -16.62 -16.16
C CYS A 387 13.49 -16.79 -17.66
N VAL A 388 14.59 -16.25 -18.17
CA VAL A 388 14.96 -16.37 -19.57
C VAL A 388 15.96 -17.51 -19.69
N VAL A 389 15.66 -18.47 -20.56
CA VAL A 389 16.49 -19.65 -20.74
C VAL A 389 16.53 -20.00 -22.23
N ASP A 390 17.71 -20.36 -22.72
CA ASP A 390 17.85 -20.82 -24.10
C ASP A 390 17.70 -22.33 -24.11
N LEU A 391 16.44 -22.77 -24.15
CA LEU A 391 16.16 -24.21 -24.10
C LEU A 391 16.73 -24.93 -25.31
N GLU A 392 16.42 -24.44 -26.51
CA GLU A 392 16.91 -25.08 -27.73
C GLU A 392 18.36 -24.75 -28.03
N ARG A 393 18.98 -23.83 -27.29
CA ARG A 393 20.38 -23.47 -27.46
C ARG A 393 20.67 -23.00 -28.89
N GLN A 394 19.73 -22.26 -29.47
CA GLN A 394 19.94 -21.64 -30.77
C GLN A 394 20.43 -20.20 -30.65
N GLY A 395 20.80 -19.77 -29.45
CA GLY A 395 21.17 -18.40 -29.20
C GLY A 395 20.00 -17.47 -28.99
N GLN A 396 18.77 -17.97 -29.05
CA GLN A 396 17.57 -17.17 -28.87
C GLN A 396 16.88 -17.62 -27.58
N GLY A 397 16.67 -16.66 -26.67
CA GLY A 397 16.10 -16.99 -25.38
C GLY A 397 14.60 -17.22 -25.44
N GLN A 398 14.11 -17.93 -24.43
CA GLN A 398 12.69 -18.16 -24.23
C GLN A 398 12.34 -17.78 -22.81
N LEU A 399 11.16 -17.19 -22.64
CA LEU A 399 10.73 -16.67 -21.35
C LEU A 399 9.77 -17.66 -20.71
N VAL A 400 10.14 -18.20 -19.56
CA VAL A 400 9.29 -19.11 -18.80
C VAL A 400 8.77 -18.35 -17.60
N THR A 401 7.45 -18.17 -17.54
CA THR A 401 6.81 -17.35 -16.54
C THR A 401 5.86 -18.17 -15.69
N CYS A 402 5.79 -17.83 -14.41
CA CYS A 402 4.80 -18.37 -13.48
C CYS A 402 3.58 -17.47 -13.55
N SER A 403 2.54 -17.94 -14.25
CA SER A 403 1.35 -17.14 -14.48
C SER A 403 0.15 -17.75 -13.77
N GLY A 404 -0.87 -16.93 -13.57
CA GLY A 404 -2.11 -17.40 -12.99
C GLY A 404 -2.03 -17.55 -11.49
N ALA A 405 -3.17 -17.90 -10.90
CA ALA A 405 -3.25 -18.12 -9.47
C ALA A 405 -4.32 -19.17 -9.20
N PHE A 406 -4.16 -19.88 -8.10
CA PHE A 406 -5.13 -20.90 -7.68
C PHE A 406 -5.20 -21.95 -8.79
N LYS A 407 -6.39 -22.47 -9.11
CA LYS A 407 -6.49 -23.53 -10.11
C LYS A 407 -6.04 -23.07 -11.48
N GLU A 408 -5.94 -21.76 -11.71
CA GLU A 408 -5.51 -21.24 -12.99
C GLU A 408 -3.99 -21.12 -13.10
N GLY A 409 -3.25 -21.43 -12.04
CA GLY A 409 -1.81 -21.31 -12.10
C GLY A 409 -1.21 -22.24 -13.13
N SER A 410 -0.12 -21.77 -13.73
CA SER A 410 0.51 -22.53 -14.80
C SER A 410 1.87 -21.90 -15.10
N LEU A 411 2.63 -22.59 -15.94
CA LEU A 411 3.85 -22.05 -16.53
C LEU A 411 3.56 -21.69 -17.98
N ARG A 412 4.16 -20.60 -18.44
CA ARG A 412 4.00 -20.15 -19.81
C ARG A 412 5.37 -20.01 -20.44
N ILE A 413 5.59 -20.72 -21.54
CA ILE A 413 6.84 -20.64 -22.30
C ILE A 413 6.57 -19.79 -23.53
N ILE A 414 7.23 -18.63 -23.61
CA ILE A 414 6.96 -17.63 -24.62
C ILE A 414 8.22 -17.47 -25.46
N ARG A 415 8.08 -17.57 -26.77
CA ARG A 415 9.23 -17.46 -27.67
C ARG A 415 8.81 -16.76 -28.95
N ASN A 416 9.71 -15.96 -29.49
CA ASN A 416 9.45 -15.30 -30.76
C ASN A 416 9.33 -16.33 -31.88
N GLY A 417 8.31 -16.15 -32.71
CA GLY A 417 8.11 -16.98 -33.88
C GLY A 417 8.82 -16.41 -35.10
N ILE A 418 8.57 -17.05 -36.24
CA ILE A 418 9.13 -16.59 -37.50
C ILE A 418 8.06 -15.90 -38.33
N LYS A 429 2.76 -13.53 -33.45
CA LYS A 429 4.20 -13.49 -33.66
C LYS A 429 4.96 -14.03 -32.44
N LEU A 430 4.26 -14.15 -31.31
CA LEU A 430 4.85 -14.62 -30.06
C LEU A 430 4.18 -15.94 -29.70
N HIS A 431 4.86 -17.05 -29.97
CA HIS A 431 4.30 -18.36 -29.68
C HIS A 431 4.33 -18.60 -28.17
N ILE A 432 3.20 -19.06 -27.63
CA ILE A 432 3.03 -19.28 -26.20
C ILE A 432 2.58 -20.71 -25.97
N ARG A 433 3.27 -21.41 -25.08
CA ARG A 433 2.92 -22.76 -24.67
C ARG A 433 2.53 -22.75 -23.21
N THR A 434 1.47 -23.49 -22.87
CA THR A 434 0.91 -23.49 -21.53
C THR A 434 1.15 -24.84 -20.87
N VAL A 435 1.60 -24.81 -19.63
CA VAL A 435 1.77 -25.99 -18.80
C VAL A 435 0.94 -25.81 -17.55
N PRO A 436 -0.27 -26.35 -17.50
CA PRO A 436 -1.11 -26.17 -16.31
C PRO A 436 -0.51 -26.81 -15.07
N LEU A 437 -0.69 -26.15 -13.93
CA LEU A 437 -0.26 -26.67 -12.65
C LEU A 437 -1.40 -26.85 -11.66
N TYR A 438 -2.50 -26.11 -11.81
CA TYR A 438 -3.64 -26.19 -10.90
C TYR A 438 -3.28 -25.78 -9.48
N GLU A 439 -2.18 -25.05 -9.33
CA GLU A 439 -1.81 -24.45 -8.06
C GLU A 439 -0.96 -23.22 -8.38
N SER A 440 -0.80 -22.36 -7.40
CA SER A 440 -0.15 -21.07 -7.65
C SER A 440 1.35 -21.25 -7.76
N PRO A 441 1.96 -20.95 -8.91
CA PRO A 441 3.43 -20.91 -8.95
C PRO A 441 3.95 -19.55 -8.53
N ARG A 442 4.96 -19.51 -7.68
CA ARG A 442 5.44 -18.26 -7.09
C ARG A 442 6.83 -17.87 -7.56
N LYS A 443 7.77 -18.81 -7.61
CA LYS A 443 9.14 -18.53 -8.05
C LYS A 443 9.58 -19.62 -9.02
N ILE A 444 10.52 -19.27 -9.88
CA ILE A 444 11.04 -20.21 -10.87
C ILE A 444 12.52 -19.92 -11.09
N CYS A 445 13.30 -20.98 -11.24
CA CYS A 445 14.70 -20.88 -11.60
C CYS A 445 15.06 -22.06 -12.48
N TYR A 446 16.14 -21.93 -13.22
CA TYR A 446 16.55 -22.92 -14.20
C TYR A 446 17.93 -23.46 -13.86
N GLN A 447 18.09 -24.78 -13.96
CA GLN A 447 19.36 -25.45 -13.70
C GLN A 447 19.83 -26.12 -14.97
N GLU A 448 20.91 -25.60 -15.56
CA GLU A 448 21.40 -26.13 -16.83
C GLU A 448 21.86 -27.58 -16.67
N VAL A 449 22.61 -27.87 -15.61
CA VAL A 449 23.25 -29.17 -15.50
C VAL A 449 22.21 -30.28 -15.40
N SER A 450 21.16 -30.07 -14.62
CA SER A 450 20.12 -31.07 -14.44
C SER A 450 19.01 -30.95 -15.47
N GLN A 451 19.05 -29.93 -16.34
CA GLN A 451 18.06 -29.78 -17.40
C GLN A 451 16.64 -29.73 -16.85
N CYS A 452 16.46 -28.91 -15.81
CA CYS A 452 15.17 -28.83 -15.14
C CYS A 452 14.97 -27.45 -14.54
N PHE A 453 13.71 -27.11 -14.34
CA PHE A 453 13.31 -25.90 -13.64
C PHE A 453 12.93 -26.24 -12.21
N GLY A 454 13.32 -25.36 -11.27
CA GLY A 454 12.86 -25.42 -9.91
C GLY A 454 11.82 -24.35 -9.69
N VAL A 455 10.63 -24.77 -9.29
CA VAL A 455 9.48 -23.87 -9.16
C VAL A 455 8.95 -23.98 -7.74
N LEU A 456 8.93 -22.87 -7.01
CA LEU A 456 8.20 -22.82 -5.76
C LEU A 456 6.72 -22.70 -6.09
N SER A 457 5.89 -23.46 -5.40
CA SER A 457 4.46 -23.46 -5.66
C SER A 457 3.71 -23.55 -4.35
N SER A 458 2.46 -23.12 -4.38
CA SER A 458 1.60 -23.09 -3.21
C SER A 458 0.24 -23.64 -3.60
N ARG A 459 -0.31 -24.50 -2.74
CA ARG A 459 -1.64 -25.05 -2.94
C ARG A 459 -2.47 -24.87 -1.68
N ILE A 460 -3.72 -24.51 -1.85
CA ILE A 460 -4.63 -24.30 -0.74
C ILE A 460 -5.23 -25.64 -0.33
N GLU A 461 -5.24 -25.91 0.97
CA GLU A 461 -5.82 -27.13 1.52
C GLU A 461 -6.75 -26.76 2.66
N VAL A 462 -7.94 -27.35 2.67
CA VAL A 462 -8.90 -27.10 3.74
C VAL A 462 -8.54 -27.98 4.94
N GLN A 463 -8.52 -27.38 6.12
CA GLN A 463 -8.13 -28.08 7.34
C GLN A 463 -9.27 -29.01 7.76
N ASP A 464 -9.28 -30.20 7.18
CA ASP A 464 -10.29 -31.21 7.48
C ASP A 464 -9.80 -32.15 8.58
N GLY A 468 -4.43 -32.41 9.79
CA GLY A 468 -5.63 -32.86 9.08
C GLY A 468 -6.07 -31.90 7.99
N THR A 469 -5.43 -32.01 6.83
CA THR A 469 -5.74 -31.16 5.69
C THR A 469 -5.93 -32.03 4.45
N THR A 470 -6.77 -31.56 3.54
CA THR A 470 -7.05 -32.26 2.30
C THR A 470 -6.97 -31.30 1.13
N ALA A 471 -6.51 -31.80 -0.01
CA ALA A 471 -6.35 -30.97 -1.20
C ALA A 471 -7.70 -30.73 -1.87
N LEU A 472 -7.89 -29.51 -2.36
CA LEU A 472 -9.13 -29.18 -3.04
C LEU A 472 -9.25 -29.91 -4.38
N ARG A 473 -8.15 -30.08 -5.09
CA ARG A 473 -8.17 -30.70 -6.39
C ARG A 473 -6.78 -31.25 -6.69
N PRO A 474 -6.66 -32.16 -7.65
CA PRO A 474 -5.32 -32.60 -8.06
C PRO A 474 -4.53 -31.44 -8.63
N SER A 475 -3.23 -31.43 -8.35
CA SER A 475 -2.36 -30.35 -8.78
C SER A 475 -0.97 -30.89 -9.02
N ALA A 476 -0.07 -30.00 -9.46
CA ALA A 476 1.28 -30.43 -9.81
C ALA A 476 2.01 -31.03 -8.61
N SER A 477 1.89 -30.40 -7.44
CA SER A 477 2.64 -30.86 -6.28
C SER A 477 2.20 -32.24 -5.83
N THR A 478 0.94 -32.61 -6.08
CA THR A 478 0.43 -33.90 -5.63
C THR A 478 0.62 -35.02 -6.65
N GLN A 479 0.72 -34.69 -7.93
CA GLN A 479 0.84 -35.68 -8.99
C GLN A 479 2.26 -35.80 -9.51
N ALA A 480 3.26 -35.40 -8.72
CA ALA A 480 4.64 -35.51 -9.15
C ALA A 480 5.06 -36.96 -9.28
N LEU A 481 6.04 -37.21 -10.14
CA LEU A 481 6.52 -38.57 -10.37
C LEU A 481 7.05 -39.18 -9.07
N SER A 482 7.88 -38.42 -8.35
CA SER A 482 8.34 -38.80 -7.03
C SER A 482 8.24 -37.59 -6.13
N SER A 483 8.09 -37.83 -4.83
CA SER A 483 7.86 -36.75 -3.89
C SER A 483 8.56 -37.03 -2.57
N SER A 484 8.79 -35.97 -1.81
CA SER A 484 9.38 -36.06 -0.49
C SER A 484 8.78 -34.95 0.36
N VAL A 485 8.83 -35.15 1.68
CA VAL A 485 8.30 -34.21 2.64
C VAL A 485 9.41 -33.79 3.57
N SER A 486 9.51 -32.49 3.83
CA SER A 486 10.56 -31.99 4.71
C SER A 486 10.43 -32.63 6.08
N SER A 487 11.57 -33.08 6.62
CA SER A 487 11.63 -33.71 7.93
C SER A 487 12.84 -33.14 8.65
N SER A 488 12.62 -32.06 9.41
CA SER A 488 13.69 -31.35 10.10
C SER A 488 13.39 -31.32 11.59
N LYS A 489 14.40 -31.65 12.40
CA LYS A 489 14.26 -31.57 13.85
C LYS A 489 13.95 -30.15 14.31
N LEU A 490 14.31 -29.15 13.53
CA LEU A 490 14.13 -27.76 13.95
C LEU A 490 12.65 -27.45 14.12
N PHE A 491 12.37 -26.49 14.99
CA PHE A 491 10.99 -26.10 15.30
C PHE A 491 10.26 -27.25 16.00
N GLU A 499 -5.24 -22.58 16.97
CA GLU A 499 -6.25 -23.63 16.86
C GLU A 499 -6.48 -23.99 15.39
N THR A 500 -7.56 -24.74 15.12
CA THR A 500 -7.92 -25.16 13.78
C THR A 500 -9.42 -25.12 13.62
N SER A 501 -9.88 -25.41 12.41
CA SER A 501 -11.30 -25.50 12.12
C SER A 501 -11.48 -26.33 10.86
N PHE A 502 -12.69 -26.85 10.67
CA PHE A 502 -12.97 -27.67 9.50
C PHE A 502 -12.81 -26.87 8.22
N GLY A 503 -13.36 -25.65 8.18
CA GLY A 503 -13.31 -24.82 6.99
C GLY A 503 -12.07 -23.98 6.84
N GLU A 504 -11.12 -24.08 7.78
CA GLU A 504 -9.91 -23.27 7.70
C GLU A 504 -9.08 -23.69 6.51
N GLU A 505 -8.48 -22.71 5.85
CA GLU A 505 -7.63 -22.94 4.69
C GLU A 505 -6.17 -22.66 5.06
N VAL A 506 -5.28 -23.51 4.56
CA VAL A 506 -3.85 -23.37 4.80
C VAL A 506 -3.12 -23.50 3.47
N GLU A 507 -1.90 -22.95 3.45
CA GLU A 507 -1.06 -23.00 2.26
C GLU A 507 0.00 -24.06 2.45
N VAL A 508 0.11 -24.98 1.49
CA VAL A 508 1.17 -25.97 1.45
C VAL A 508 2.13 -25.55 0.36
N HIS A 509 3.41 -25.40 0.71
CA HIS A 509 4.43 -24.91 -0.20
C HIS A 509 5.32 -26.06 -0.63
N ASN A 510 5.58 -26.11 -1.93
CA ASN A 510 6.34 -27.20 -2.54
C ASN A 510 7.43 -26.63 -3.42
N LEU A 511 8.51 -27.39 -3.54
CA LEU A 511 9.53 -27.18 -4.57
C LEU A 511 9.34 -28.26 -5.62
N LEU A 512 9.06 -27.85 -6.84
CA LEU A 512 8.78 -28.76 -7.94
C LEU A 512 9.96 -28.73 -8.90
N ILE A 513 10.52 -29.90 -9.17
CA ILE A 513 11.53 -30.07 -10.20
C ILE A 513 10.81 -30.55 -11.45
N ILE A 514 10.89 -29.74 -12.51
CA ILE A 514 10.11 -29.94 -13.72
C ILE A 514 11.08 -30.08 -14.89
N ASP A 515 10.92 -31.15 -15.66
CA ASP A 515 11.79 -31.36 -16.81
C ASP A 515 11.64 -30.22 -17.80
N GLN A 516 12.75 -29.82 -18.42
CA GLN A 516 12.71 -28.69 -19.35
C GLN A 516 12.11 -29.06 -20.70
N HIS A 517 12.09 -30.35 -21.04
CA HIS A 517 11.59 -30.77 -22.34
C HIS A 517 10.10 -31.13 -22.28
N THR A 518 9.75 -32.12 -21.46
CA THR A 518 8.37 -32.53 -21.34
C THR A 518 7.58 -31.67 -20.37
N PHE A 519 8.26 -30.88 -19.54
CA PHE A 519 7.61 -30.05 -18.53
C PHE A 519 6.76 -30.88 -17.59
N GLU A 520 7.11 -32.16 -17.43
CA GLU A 520 6.50 -32.99 -16.41
C GLU A 520 7.11 -32.69 -15.06
N VAL A 521 6.32 -32.88 -14.01
CA VAL A 521 6.80 -32.63 -12.66
C VAL A 521 7.65 -33.82 -12.22
N LEU A 522 8.96 -33.71 -12.41
CA LEU A 522 9.85 -34.81 -12.06
C LEU A 522 9.81 -35.09 -10.55
N HIS A 523 9.79 -34.04 -9.74
CA HIS A 523 9.85 -34.23 -8.30
C HIS A 523 9.07 -33.13 -7.61
N ALA A 524 8.58 -33.42 -6.40
CA ALA A 524 7.86 -32.44 -5.59
C ALA A 524 8.23 -32.65 -4.13
N HIS A 525 8.89 -31.67 -3.54
CA HIS A 525 9.31 -31.70 -2.14
C HIS A 525 8.44 -30.75 -1.36
N GLN A 526 7.75 -31.26 -0.35
CA GLN A 526 6.82 -30.46 0.45
C GLN A 526 7.53 -29.95 1.70
N PHE A 527 7.34 -28.68 2.01
CA PHE A 527 8.00 -28.05 3.13
C PHE A 527 7.21 -28.25 4.41
N LEU A 528 7.88 -27.99 5.54
CA LEU A 528 7.28 -28.19 6.85
C LEU A 528 5.95 -27.46 6.96
N GLN A 529 5.09 -27.90 7.87
CA GLN A 529 3.83 -27.22 8.11
C GLN A 529 4.08 -25.79 8.58
N ASN A 530 3.25 -24.87 8.12
CA ASN A 530 3.33 -23.45 8.42
C ASN A 530 4.56 -22.78 7.81
N GLU A 531 5.39 -23.51 7.07
CA GLU A 531 6.57 -22.95 6.46
C GLU A 531 6.22 -22.35 5.10
N TYR A 532 6.66 -21.12 4.87
CA TYR A 532 6.37 -20.38 3.66
C TYR A 532 7.66 -20.19 2.89
N ALA A 533 7.72 -20.71 1.66
CA ALA A 533 8.91 -20.60 0.83
C ALA A 533 8.87 -19.29 0.07
N LEU A 534 9.86 -18.43 0.32
CA LEU A 534 9.87 -17.07 -0.22
C LEU A 534 10.86 -16.86 -1.33
N SER A 535 12.01 -17.53 -1.31
CA SER A 535 13.07 -17.28 -2.27
C SER A 535 13.61 -18.60 -2.79
N LEU A 536 14.19 -18.54 -3.98
CA LEU A 536 14.74 -19.73 -4.63
C LEU A 536 15.85 -19.30 -5.57
N VAL A 537 17.03 -19.91 -5.42
CA VAL A 537 18.13 -19.71 -6.35
C VAL A 537 18.76 -21.06 -6.65
N SER A 538 19.43 -21.13 -7.80
CA SER A 538 20.18 -22.31 -8.20
C SER A 538 21.58 -21.85 -8.56
N CYS A 539 22.59 -22.43 -7.90
CA CYS A 539 23.94 -21.92 -8.04
C CYS A 539 24.94 -22.92 -7.47
N LYS A 540 26.21 -22.70 -7.79
CA LYS A 540 27.33 -23.36 -7.16
C LYS A 540 27.89 -22.46 -6.06
N LEU A 541 28.49 -23.08 -5.05
CA LEU A 541 29.05 -22.35 -3.92
C LEU A 541 30.44 -22.86 -3.61
N GLY A 542 31.35 -21.93 -3.31
CA GLY A 542 32.68 -22.30 -2.91
C GLY A 542 33.38 -23.12 -3.97
N LYS A 543 34.17 -24.09 -3.52
CA LYS A 543 34.87 -25.00 -4.42
C LYS A 543 34.04 -26.24 -4.76
N ASP A 544 32.80 -26.30 -4.32
CA ASP A 544 31.94 -27.44 -4.62
C ASP A 544 31.61 -27.46 -6.10
N PRO A 545 31.87 -28.55 -6.82
CA PRO A 545 31.51 -28.61 -8.24
C PRO A 545 30.05 -28.94 -8.51
N ASN A 546 29.24 -29.11 -7.46
CA ASN A 546 27.84 -29.45 -7.63
C ASN A 546 26.98 -28.19 -7.69
N THR A 547 25.86 -28.30 -8.40
CA THR A 547 24.89 -27.22 -8.50
C THR A 547 23.69 -27.57 -7.64
N TYR A 548 23.25 -26.60 -6.83
CA TYR A 548 22.23 -26.82 -5.82
C TYR A 548 21.02 -25.94 -6.06
N PHE A 549 19.88 -26.39 -5.55
CA PHE A 549 18.70 -25.54 -5.38
C PHE A 549 18.71 -25.05 -3.94
N ILE A 550 18.75 -23.73 -3.76
CA ILE A 550 18.78 -23.14 -2.42
C ILE A 550 17.50 -22.37 -2.21
N VAL A 551 16.77 -22.71 -1.15
CA VAL A 551 15.45 -22.18 -0.88
C VAL A 551 15.48 -21.47 0.47
N GLY A 552 14.94 -20.25 0.50
CA GLY A 552 14.74 -19.52 1.74
C GLY A 552 13.27 -19.58 2.14
N THR A 553 13.03 -19.82 3.44
CA THR A 553 11.68 -19.99 3.93
C THR A 553 11.56 -19.35 5.30
N ALA A 554 10.33 -18.98 5.64
CA ALA A 554 10.00 -18.38 6.92
C ALA A 554 8.92 -19.21 7.62
N MET A 555 9.07 -19.39 8.93
CA MET A 555 8.06 -20.09 9.72
C MET A 555 7.00 -19.06 10.12
N VAL A 556 5.83 -19.15 9.50
CA VAL A 556 4.78 -18.15 9.64
C VAL A 556 3.65 -18.74 10.47
N TYR A 557 3.26 -18.02 11.52
CA TYR A 557 2.12 -18.39 12.34
C TYR A 557 1.17 -17.21 12.42
N PRO A 558 -0.14 -17.44 12.48
CA PRO A 558 -1.09 -16.32 12.57
C PRO A 558 -0.93 -15.52 13.85
N GLU A 559 -0.32 -16.10 14.90
CA GLU A 559 -0.15 -15.36 16.14
C GLU A 559 0.94 -14.30 16.03
N GLU A 560 2.05 -14.63 15.37
CA GLU A 560 3.18 -13.73 15.26
C GLU A 560 2.97 -12.75 14.11
N ALA A 561 3.26 -11.47 14.35
CA ALA A 561 3.12 -10.48 13.30
C ALA A 561 4.15 -10.71 12.20
N GLU A 562 5.41 -10.86 12.57
CA GLU A 562 6.48 -11.11 11.61
C GLU A 562 7.23 -12.36 12.02
N PRO A 563 7.72 -13.14 11.05
CA PRO A 563 8.36 -14.41 11.39
C PRO A 563 9.58 -14.20 12.27
N LYS A 564 9.79 -15.13 13.20
CA LYS A 564 10.92 -15.10 14.10
C LYS A 564 11.97 -16.15 13.78
N GLN A 565 11.64 -17.13 12.95
CA GLN A 565 12.62 -18.15 12.55
C GLN A 565 12.34 -18.55 11.12
N GLY A 566 13.37 -19.09 10.48
CA GLY A 566 13.28 -19.49 9.09
C GLY A 566 14.42 -20.41 8.74
N ARG A 567 14.41 -20.85 7.49
CA ARG A 567 15.35 -21.87 7.02
C ARG A 567 15.98 -21.46 5.70
N ILE A 568 17.21 -21.90 5.51
CA ILE A 568 17.88 -21.91 4.22
C ILE A 568 18.23 -23.35 3.93
N VAL A 569 17.58 -23.93 2.93
CA VAL A 569 17.71 -25.35 2.61
C VAL A 569 18.47 -25.47 1.29
N VAL A 570 19.42 -26.40 1.24
CA VAL A 570 20.25 -26.65 0.06
C VAL A 570 19.97 -28.06 -0.39
N PHE A 571 19.21 -28.21 -1.46
CA PHE A 571 18.94 -29.49 -2.11
C PHE A 571 19.85 -29.68 -3.30
N GLN A 572 20.07 -30.94 -3.65
CA GLN A 572 20.77 -31.30 -4.88
C GLN A 572 19.90 -32.28 -5.64
N TYR A 573 19.55 -31.94 -6.89
CA TYR A 573 18.78 -32.82 -7.74
C TYR A 573 19.74 -33.64 -8.57
N SER A 574 19.89 -34.91 -8.22
CA SER A 574 20.80 -35.81 -8.92
C SER A 574 20.08 -37.12 -9.21
N ASP A 575 20.41 -37.71 -10.37
CA ASP A 575 19.89 -39.00 -10.80
C ASP A 575 18.40 -39.15 -10.52
N GLY A 576 17.64 -38.07 -10.70
CA GLY A 576 16.21 -38.13 -10.51
C GLY A 576 15.76 -38.11 -9.07
N LYS A 577 16.64 -37.77 -8.14
CA LYS A 577 16.30 -37.68 -6.73
C LYS A 577 16.69 -36.30 -6.22
N LEU A 578 15.86 -35.73 -5.34
CA LEU A 578 16.14 -34.46 -4.70
C LEU A 578 16.56 -34.73 -3.26
N GLN A 579 17.84 -34.53 -2.98
CA GLN A 579 18.42 -34.80 -1.67
C GLN A 579 18.69 -33.48 -0.95
N THR A 580 18.39 -33.45 0.34
CA THR A 580 18.62 -32.26 1.15
C THR A 580 20.09 -32.26 1.59
N VAL A 581 20.91 -31.52 0.85
CA VAL A 581 22.35 -31.53 1.13
C VAL A 581 22.65 -30.82 2.44
N ALA A 582 22.01 -29.68 2.68
CA ALA A 582 22.32 -28.91 3.88
C ALA A 582 21.09 -28.14 4.33
N GLU A 583 21.13 -27.72 5.59
CA GLU A 583 20.01 -27.01 6.18
C GLU A 583 20.54 -26.06 7.25
N LYS A 584 20.11 -24.80 7.20
CA LYS A 584 20.55 -23.79 8.14
C LYS A 584 19.35 -23.10 8.74
N GLU A 585 19.36 -22.93 10.06
CA GLU A 585 18.30 -22.21 10.76
C GLU A 585 18.73 -20.77 10.96
N VAL A 586 17.83 -19.84 10.67
CA VAL A 586 18.11 -18.41 10.82
C VAL A 586 16.97 -17.80 11.63
N LYS A 587 17.26 -16.65 12.22
CA LYS A 587 16.32 -15.97 13.11
C LYS A 587 15.52 -14.91 12.34
N GLY A 588 14.75 -15.37 11.37
CA GLY A 588 13.93 -14.46 10.59
C GLY A 588 13.53 -15.09 9.28
N ALA A 589 12.79 -14.30 8.50
CA ALA A 589 12.35 -14.71 7.19
C ALA A 589 13.42 -14.41 6.15
N VAL A 590 13.76 -15.42 5.35
CA VAL A 590 14.76 -15.26 4.28
C VAL A 590 13.99 -14.72 3.07
N TYR A 591 13.85 -13.40 3.01
CA TYR A 591 13.01 -12.80 1.98
C TYR A 591 13.62 -12.99 0.59
N SER A 592 14.94 -12.87 0.47
CA SER A 592 15.58 -12.97 -0.84
C SER A 592 16.95 -13.61 -0.66
N MET A 593 17.49 -14.08 -1.78
CA MET A 593 18.76 -14.78 -1.77
C MET A 593 19.39 -14.64 -3.15
N VAL A 594 20.71 -14.49 -3.18
CA VAL A 594 21.44 -14.37 -4.44
C VAL A 594 22.82 -15.00 -4.27
N GLU A 595 23.31 -15.63 -5.33
CA GLU A 595 24.68 -16.11 -5.35
C GLU A 595 25.60 -14.91 -5.56
N PHE A 596 26.47 -14.67 -4.59
CA PHE A 596 27.37 -13.52 -4.59
C PHE A 596 28.80 -14.03 -4.71
N ASN A 597 29.30 -14.10 -5.93
CA ASN A 597 30.70 -14.43 -6.20
C ASN A 597 31.11 -15.71 -5.47
N GLY A 598 30.31 -16.75 -5.63
CA GLY A 598 30.61 -18.04 -5.05
C GLY A 598 30.18 -18.22 -3.61
N LYS A 599 29.60 -17.20 -2.99
CA LYS A 599 29.03 -17.28 -1.65
C LYS A 599 27.54 -17.08 -1.76
N LEU A 600 26.85 -17.16 -0.62
CA LEU A 600 25.40 -16.97 -0.59
C LEU A 600 25.07 -15.69 0.17
N LEU A 601 24.30 -14.81 -0.45
CA LEU A 601 23.89 -13.56 0.17
C LEU A 601 22.39 -13.66 0.42
N ALA A 602 22.01 -13.72 1.70
CA ALA A 602 20.62 -13.90 2.09
C ALA A 602 20.15 -12.68 2.87
N SER A 603 18.86 -12.40 2.79
CA SER A 603 18.23 -11.31 3.51
C SER A 603 17.33 -11.90 4.57
N ILE A 604 17.72 -11.76 5.83
CA ILE A 604 16.99 -12.31 6.97
C ILE A 604 16.39 -11.15 7.74
N ASN A 605 15.07 -10.98 7.63
CA ASN A 605 14.38 -9.85 8.25
C ASN A 605 14.99 -8.53 7.79
N SER A 606 15.72 -7.85 8.68
CA SER A 606 16.35 -6.58 8.36
C SER A 606 17.87 -6.69 8.40
N THR A 607 18.39 -7.86 8.03
CA THR A 607 19.83 -8.11 8.02
C THR A 607 20.20 -8.73 6.69
N VAL A 608 21.39 -8.39 6.20
CA VAL A 608 21.96 -8.99 5.00
C VAL A 608 23.16 -9.81 5.43
N ARG A 609 23.10 -11.12 5.25
CA ARG A 609 24.10 -12.05 5.75
C ARG A 609 24.78 -12.74 4.58
N LEU A 610 26.10 -12.74 4.59
CA LEU A 610 26.89 -13.43 3.58
C LEU A 610 27.47 -14.69 4.21
N TYR A 611 27.14 -15.83 3.61
CA TYR A 611 27.57 -17.15 4.02
C TYR A 611 28.60 -17.70 3.04
N GLU A 612 29.57 -18.44 3.55
CA GLU A 612 30.51 -19.18 2.74
C GLU A 612 30.17 -20.66 2.81
N TRP A 613 30.51 -21.38 1.74
CA TRP A 613 30.21 -22.80 1.61
C TRP A 613 31.49 -23.58 1.89
N THR A 614 31.66 -24.01 3.13
CA THR A 614 32.89 -24.68 3.53
C THR A 614 33.00 -26.05 2.86
N THR A 615 34.11 -26.74 3.14
CA THR A 615 34.35 -28.03 2.51
C THR A 615 33.41 -29.11 3.03
N GLU A 616 32.96 -28.99 4.27
CA GLU A 616 32.03 -29.96 4.85
C GLU A 616 30.62 -29.80 4.34
N LYS A 617 30.40 -28.95 3.33
CA LYS A 617 29.08 -28.75 2.75
C LYS A 617 28.10 -28.23 3.81
N GLU A 618 28.44 -27.08 4.36
CA GLU A 618 27.56 -26.38 5.29
C GLU A 618 27.81 -24.89 5.16
N LEU A 619 26.79 -24.10 5.48
CA LEU A 619 26.86 -22.65 5.34
C LEU A 619 27.42 -22.06 6.63
N ARG A 620 28.52 -21.33 6.50
CA ARG A 620 29.15 -20.63 7.62
C ARG A 620 29.02 -19.14 7.41
N THR A 621 28.46 -18.45 8.39
CA THR A 621 28.26 -17.00 8.28
C THR A 621 29.61 -16.32 8.10
N GLU A 622 29.78 -15.64 6.97
CA GLU A 622 31.00 -14.89 6.72
C GLU A 622 30.90 -13.47 7.27
N CYS A 623 29.78 -12.79 7.02
CA CYS A 623 29.62 -11.45 7.57
C CYS A 623 28.15 -11.07 7.60
N ASN A 624 27.86 -9.99 8.33
CA ASN A 624 26.50 -9.49 8.51
C ASN A 624 26.48 -7.98 8.29
N HIS A 625 25.32 -7.47 7.90
CA HIS A 625 25.08 -6.04 7.83
C HIS A 625 23.65 -5.77 8.27
N TYR A 626 23.46 -4.68 9.00
CA TYR A 626 22.16 -4.31 9.54
C TYR A 626 21.70 -3.02 8.89
N ASN A 627 20.50 -3.03 8.31
CA ASN A 627 20.02 -1.92 7.50
C ASN A 627 18.84 -1.19 8.12
N ASN A 628 18.20 -1.73 9.14
CA ASN A 628 17.02 -1.18 9.79
C ASN A 628 15.79 -1.22 8.89
N ILE A 629 15.89 -1.76 7.68
CA ILE A 629 14.75 -1.96 6.80
C ILE A 629 14.74 -3.42 6.38
N MET A 630 13.55 -3.95 6.15
CA MET A 630 13.44 -5.34 5.68
C MET A 630 13.96 -5.42 4.25
N ALA A 631 15.03 -6.18 4.05
CA ALA A 631 15.67 -6.30 2.74
C ALA A 631 14.85 -7.25 1.86
N LEU A 632 13.71 -6.74 1.40
CA LEU A 632 12.84 -7.54 0.55
C LEU A 632 13.48 -7.81 -0.80
N TYR A 633 13.99 -6.78 -1.45
CA TYR A 633 14.62 -6.90 -2.75
C TYR A 633 16.13 -6.91 -2.57
N LEU A 634 16.79 -7.90 -3.16
CA LEU A 634 18.23 -8.06 -3.01
C LEU A 634 18.80 -8.39 -4.39
N LYS A 635 19.37 -7.39 -5.05
CA LYS A 635 20.00 -7.57 -6.35
C LYS A 635 21.50 -7.40 -6.21
N THR A 636 22.25 -7.94 -7.17
CA THR A 636 23.70 -7.92 -7.09
C THR A 636 24.30 -7.74 -8.48
N LYS A 637 25.40 -6.99 -8.53
CA LYS A 637 26.19 -6.84 -9.74
C LYS A 637 27.63 -6.60 -9.33
N GLY A 638 28.52 -7.49 -9.73
CA GLY A 638 29.90 -7.37 -9.29
C GLY A 638 29.96 -7.45 -7.78
N ASP A 639 30.54 -6.44 -7.15
CA ASP A 639 30.61 -6.35 -5.70
C ASP A 639 29.57 -5.41 -5.12
N PHE A 640 28.60 -4.99 -5.92
CA PHE A 640 27.56 -4.07 -5.47
C PHE A 640 26.27 -4.82 -5.18
N ILE A 641 25.62 -4.47 -4.08
CA ILE A 641 24.38 -5.08 -3.65
C ILE A 641 23.34 -3.98 -3.50
N LEU A 642 22.18 -4.19 -4.12
CA LEU A 642 21.06 -3.27 -4.01
C LEU A 642 20.03 -3.88 -3.09
N VAL A 643 19.75 -3.19 -1.97
CA VAL A 643 18.83 -3.65 -0.95
C VAL A 643 17.63 -2.72 -0.95
N GLY A 644 16.44 -3.29 -1.11
CA GLY A 644 15.24 -2.49 -1.24
C GLY A 644 14.13 -3.00 -0.34
N ASP A 645 13.30 -2.06 0.10
CA ASP A 645 12.19 -2.31 1.00
C ASP A 645 10.88 -2.03 0.27
N LEU A 646 9.78 -2.56 0.83
CA LEU A 646 8.48 -2.39 0.19
C LEU A 646 8.07 -0.93 0.06
N MET A 647 8.67 -0.04 0.84
CA MET A 647 8.33 1.38 0.81
C MET A 647 9.37 2.21 0.06
N ARG A 648 10.05 1.59 -0.90
CA ARG A 648 11.00 2.26 -1.79
C ARG A 648 12.28 2.67 -1.09
N SER A 649 12.50 2.24 0.15
CA SER A 649 13.73 2.60 0.84
C SER A 649 14.90 1.85 0.24
N VAL A 650 15.56 2.46 -0.73
CA VAL A 650 16.65 1.81 -1.47
C VAL A 650 17.97 2.15 -0.81
N LEU A 651 18.89 1.19 -0.78
CA LEU A 651 20.25 1.48 -0.37
C LEU A 651 21.19 0.56 -1.13
N LEU A 652 22.43 1.00 -1.24
CA LEU A 652 23.43 0.35 -2.09
C LEU A 652 24.68 0.10 -1.28
N LEU A 653 25.00 -1.17 -1.07
CA LEU A 653 26.17 -1.62 -0.34
C LEU A 653 27.24 -2.12 -1.29
N ALA A 654 28.48 -2.11 -0.83
CA ALA A 654 29.60 -2.67 -1.57
C ALA A 654 30.38 -3.60 -0.65
N TYR A 655 30.62 -4.82 -1.10
CA TYR A 655 31.40 -5.77 -0.34
C TYR A 655 32.89 -5.42 -0.46
N LYS A 656 33.59 -5.44 0.66
CA LYS A 656 35.02 -5.12 0.68
C LYS A 656 35.80 -6.40 0.96
N PRO A 657 36.36 -7.05 -0.06
CA PRO A 657 37.02 -8.35 0.18
C PRO A 657 38.12 -8.29 1.21
N MET A 658 38.95 -7.23 1.18
CA MET A 658 40.05 -7.14 2.13
C MET A 658 39.53 -7.00 3.55
N GLU A 659 38.53 -6.14 3.76
CA GLU A 659 37.96 -5.95 5.09
C GLU A 659 36.94 -7.03 5.44
N GLY A 660 36.44 -7.77 4.46
CA GLY A 660 35.43 -8.77 4.71
C GLY A 660 34.18 -8.19 5.33
N ASN A 661 33.69 -7.08 4.79
CA ASN A 661 32.50 -6.44 5.34
C ASN A 661 31.84 -5.59 4.27
N PHE A 662 30.59 -5.23 4.52
CA PHE A 662 29.83 -4.35 3.64
C PHE A 662 29.98 -2.91 4.08
N GLU A 663 29.83 -1.99 3.12
CA GLU A 663 29.86 -0.56 3.38
C GLU A 663 28.71 0.08 2.62
N GLU A 664 27.96 0.96 3.28
CA GLU A 664 26.82 1.63 2.66
C GLU A 664 27.35 2.63 1.64
N ILE A 665 27.37 2.22 0.37
CA ILE A 665 27.83 3.13 -0.68
C ILE A 665 26.87 4.30 -0.83
N ALA A 666 25.58 4.02 -0.93
CA ALA A 666 24.61 5.06 -1.22
C ALA A 666 23.25 4.71 -0.62
N ARG A 667 22.36 5.69 -0.64
CA ARG A 667 21.05 5.54 -0.01
C ARG A 667 20.06 6.48 -0.68
N ASP A 668 18.81 6.05 -0.76
CA ASP A 668 17.73 6.88 -1.30
C ASP A 668 16.42 6.36 -0.71
N PHE A 669 15.90 7.08 0.28
CA PHE A 669 14.66 6.72 0.95
C PHE A 669 13.58 7.72 0.57
N ASN A 670 12.46 7.20 0.11
CA ASN A 670 11.34 8.02 -0.36
C ASN A 670 10.04 7.26 -0.18
N PRO A 671 9.21 7.60 0.81
CA PRO A 671 8.00 6.81 1.06
C PRO A 671 7.13 6.62 -0.16
N ASN A 672 7.03 5.38 -0.64
CA ASN A 672 6.16 5.02 -1.75
C ASN A 672 6.23 3.51 -1.92
N TRP A 673 5.13 2.93 -2.38
CA TRP A 673 5.08 1.49 -2.55
C TRP A 673 5.93 1.07 -3.74
N MET A 674 6.72 0.02 -3.54
CA MET A 674 7.66 -0.48 -4.54
C MET A 674 7.41 -1.95 -4.76
N SER A 675 7.37 -2.37 -6.04
CA SER A 675 7.02 -3.74 -6.38
C SER A 675 8.17 -4.55 -6.96
N ALA A 676 9.22 -3.90 -7.47
CA ALA A 676 10.34 -4.63 -8.03
C ALA A 676 11.48 -3.65 -8.28
N VAL A 677 12.70 -4.19 -8.35
CA VAL A 677 13.88 -3.40 -8.68
C VAL A 677 14.81 -4.26 -9.53
N GLU A 678 15.74 -3.57 -10.20
CA GLU A 678 16.72 -4.24 -11.05
C GLU A 678 17.92 -3.31 -11.18
N ILE A 679 19.06 -3.90 -11.50
CA ILE A 679 20.29 -3.16 -11.73
C ILE A 679 20.55 -3.16 -13.23
N LEU A 680 20.31 -2.03 -13.88
CA LEU A 680 20.59 -1.92 -15.31
C LEU A 680 22.08 -2.01 -15.57
N ASP A 681 22.88 -1.22 -14.86
CA ASP A 681 24.33 -1.26 -14.98
C ASP A 681 24.92 -0.84 -13.62
N ASP A 682 26.21 -0.54 -13.61
CA ASP A 682 26.88 -0.21 -12.36
C ASP A 682 26.27 1.02 -11.67
N ASP A 683 25.61 1.89 -12.43
CA ASP A 683 25.12 3.16 -11.90
C ASP A 683 23.60 3.25 -11.82
N ASN A 684 22.89 2.69 -12.79
CA ASN A 684 21.45 2.88 -12.91
C ASN A 684 20.71 1.70 -12.31
N PHE A 685 19.67 2.00 -11.53
CA PHE A 685 18.82 1.00 -10.91
C PHE A 685 17.37 1.28 -11.27
N LEU A 686 16.69 0.29 -11.83
CA LEU A 686 15.34 0.43 -12.33
C LEU A 686 14.35 -0.23 -11.38
N GLY A 687 13.26 0.46 -11.07
CA GLY A 687 12.25 -0.07 -10.18
C GLY A 687 10.86 0.33 -10.62
N ALA A 688 9.87 -0.31 -9.99
CA ALA A 688 8.46 -0.04 -10.26
C ALA A 688 7.77 0.35 -8.97
N GLU A 689 6.90 1.34 -9.04
CA GLU A 689 6.31 1.91 -7.83
C GLU A 689 4.88 2.36 -8.09
N ASN A 690 4.23 2.79 -7.00
CA ASN A 690 2.79 2.94 -6.94
C ASN A 690 2.27 3.81 -8.08
N ALA A 691 1.00 3.59 -8.41
CA ALA A 691 0.35 4.15 -9.59
C ALA A 691 0.88 3.57 -10.88
N PHE A 692 1.55 2.41 -10.80
CA PHE A 692 1.99 1.68 -11.98
C PHE A 692 2.99 2.50 -12.81
N ASN A 693 4.09 2.92 -12.17
CA ASN A 693 5.09 3.69 -12.89
C ASN A 693 6.49 3.15 -12.64
N LEU A 694 7.31 3.18 -13.69
CA LEU A 694 8.72 2.85 -13.60
C LEU A 694 9.52 4.09 -13.22
N PHE A 695 10.59 3.87 -12.46
CA PHE A 695 11.52 4.92 -12.08
C PHE A 695 12.94 4.39 -12.20
N VAL A 696 13.88 5.31 -12.36
CA VAL A 696 15.30 4.99 -12.47
C VAL A 696 16.08 5.87 -11.51
N CYS A 697 16.98 5.26 -10.75
CA CYS A 697 17.84 5.97 -9.82
C CYS A 697 19.29 5.83 -10.26
N GLN A 698 20.06 6.91 -10.08
CA GLN A 698 21.44 6.97 -10.51
C GLN A 698 22.31 7.34 -9.32
N LYS A 699 23.47 6.67 -9.19
CA LYS A 699 24.31 6.89 -8.02
C LYS A 699 25.27 8.06 -8.22
N ASP A 700 25.88 8.18 -9.39
CA ASP A 700 26.82 9.26 -9.68
C ASP A 700 27.91 9.32 -8.62
N SER A 701 28.72 8.27 -8.57
CA SER A 701 29.79 8.18 -7.59
C SER A 701 30.81 9.31 -7.73
N ALA A 702 30.90 9.91 -8.92
CA ALA A 702 31.84 11.01 -9.16
C ALA A 702 31.21 12.35 -8.77
N ALA A 703 30.83 12.45 -7.50
CA ALA A 703 30.24 13.65 -6.94
C ALA A 703 31.20 14.28 -5.94
N THR A 704 31.30 15.61 -5.99
CA THR A 704 32.25 16.31 -5.13
C THR A 704 31.92 16.10 -3.66
N THR A 705 30.78 16.63 -3.22
CA THR A 705 30.41 16.52 -1.81
C THR A 705 29.97 15.10 -1.48
N ASP A 706 30.35 14.64 -0.29
CA ASP A 706 29.99 13.28 0.12
C ASP A 706 28.48 13.11 0.18
N GLU A 707 27.74 14.19 0.41
CA GLU A 707 26.28 14.10 0.41
C GLU A 707 25.77 13.64 -0.94
N GLU A 708 26.30 14.19 -2.02
CA GLU A 708 25.89 13.78 -3.36
C GLU A 708 26.46 12.43 -3.76
N ARG A 709 27.54 11.99 -3.11
CA ARG A 709 28.04 10.64 -3.36
C ARG A 709 27.20 9.58 -2.66
N GLN A 710 26.40 9.98 -1.67
CA GLN A 710 25.51 9.06 -0.95
C GLN A 710 24.04 9.35 -1.25
N HIS A 711 23.73 9.75 -2.48
CA HIS A 711 22.36 10.05 -2.88
C HIS A 711 22.13 9.49 -4.27
N LEU A 712 21.04 8.75 -4.43
CA LEU A 712 20.63 8.22 -5.74
C LEU A 712 19.56 9.16 -6.29
N GLN A 713 19.97 10.05 -7.18
CA GLN A 713 19.04 11.00 -7.76
C GLN A 713 18.17 10.30 -8.79
N GLU A 714 16.85 10.45 -8.65
CA GLU A 714 15.93 9.90 -9.64
C GLU A 714 16.15 10.61 -10.96
N VAL A 715 16.40 9.83 -12.02
CA VAL A 715 16.75 10.37 -13.33
C VAL A 715 15.80 9.89 -14.41
N GLY A 716 14.70 9.24 -14.04
CA GLY A 716 13.73 8.79 -15.01
C GLY A 716 12.43 8.35 -14.38
N LEU A 717 11.31 8.82 -14.93
CA LEU A 717 9.98 8.47 -14.44
C LEU A 717 9.09 8.21 -15.63
N PHE A 718 8.19 7.23 -15.52
CA PHE A 718 7.35 6.88 -16.67
C PHE A 718 6.15 6.09 -16.19
N HIS A 719 4.95 6.64 -16.42
CA HIS A 719 3.72 5.94 -16.03
C HIS A 719 3.49 4.80 -17.01
N LEU A 720 3.85 3.58 -16.60
CA LEU A 720 3.73 2.43 -17.48
C LEU A 720 2.27 2.03 -17.67
N GLY A 721 1.45 2.18 -16.64
CA GLY A 721 0.08 1.70 -16.67
C GLY A 721 -0.08 0.25 -16.29
N GLU A 722 1.00 -0.42 -15.89
CA GLU A 722 0.97 -1.82 -15.50
C GLU A 722 1.71 -1.98 -14.19
N PHE A 723 1.26 -2.95 -13.39
CA PHE A 723 1.90 -3.23 -12.10
C PHE A 723 2.99 -4.27 -12.33
N VAL A 724 4.23 -3.81 -12.47
CA VAL A 724 5.33 -4.70 -12.77
C VAL A 724 5.61 -5.58 -11.56
N ASN A 725 5.61 -6.89 -11.77
CA ASN A 725 5.86 -7.86 -10.71
C ASN A 725 7.30 -8.33 -10.69
N VAL A 726 7.91 -8.55 -11.84
CA VAL A 726 9.24 -9.15 -11.89
C VAL A 726 10.06 -8.48 -12.98
N PHE A 727 11.35 -8.28 -12.71
CA PHE A 727 12.34 -7.85 -13.68
C PHE A 727 13.31 -9.01 -13.93
N CYS A 728 13.83 -9.10 -15.15
CA CYS A 728 14.70 -10.21 -15.51
C CYS A 728 15.59 -9.81 -16.67
N HIS A 729 16.90 -9.93 -16.50
CA HIS A 729 17.81 -9.63 -17.60
C HIS A 729 17.72 -10.72 -18.65
N GLY A 730 17.49 -10.32 -19.90
CA GLY A 730 17.41 -11.27 -20.98
C GLY A 730 16.75 -10.66 -22.19
N SER A 731 16.76 -11.43 -23.28
CA SER A 731 16.18 -11.00 -24.53
C SER A 731 15.55 -12.19 -25.24
N LEU A 732 14.53 -11.92 -26.05
CA LEU A 732 13.83 -12.97 -26.78
C LEU A 732 14.21 -13.03 -28.25
N VAL A 733 15.18 -12.23 -28.69
CA VAL A 733 15.59 -12.18 -30.08
C VAL A 733 17.00 -12.75 -30.21
N MET A 734 17.31 -13.27 -31.39
CA MET A 734 18.60 -13.89 -31.62
C MET A 734 19.72 -12.89 -31.31
N GLN A 735 20.73 -13.37 -30.58
CA GLN A 735 21.85 -12.51 -30.19
C GLN A 735 23.08 -12.83 -31.03
N PRO A 743 22.75 0.75 -31.28
CA PRO A 743 21.41 1.34 -31.19
C PRO A 743 20.83 1.31 -29.79
N THR A 744 20.84 0.13 -29.17
CA THR A 744 20.36 -0.05 -27.82
C THR A 744 21.35 -0.92 -27.05
N GLN A 745 21.42 -0.71 -25.74
CA GLN A 745 22.31 -1.46 -24.87
C GLN A 745 21.52 -2.08 -23.73
N GLY A 746 21.82 -3.34 -23.41
CA GLY A 746 21.14 -4.05 -22.35
C GLY A 746 19.74 -4.47 -22.77
N SER A 747 19.15 -5.33 -21.93
CA SER A 747 17.80 -5.81 -22.19
C SER A 747 17.24 -6.36 -20.88
N VAL A 748 16.19 -5.74 -20.37
CA VAL A 748 15.55 -6.14 -19.13
C VAL A 748 14.08 -6.37 -19.44
N LEU A 749 13.66 -7.62 -19.48
CA LEU A 749 12.25 -7.93 -19.59
C LEU A 749 11.58 -7.74 -18.23
N PHE A 750 10.29 -7.47 -18.26
CA PHE A 750 9.53 -7.35 -17.02
C PHE A 750 8.13 -7.89 -17.22
N GLY A 751 7.63 -8.55 -16.19
CA GLY A 751 6.31 -9.15 -16.19
C GLY A 751 5.43 -8.47 -15.16
N THR A 752 4.17 -8.24 -15.54
CA THR A 752 3.22 -7.41 -14.82
C THR A 752 1.99 -8.23 -14.44
N VAL A 753 1.06 -7.58 -13.73
CA VAL A 753 -0.12 -8.26 -13.21
C VAL A 753 -1.09 -8.59 -14.34
N ASN A 754 -1.24 -7.70 -15.31
CA ASN A 754 -2.20 -7.90 -16.40
C ASN A 754 -1.68 -8.81 -17.48
N GLY A 755 -0.62 -9.56 -17.23
CA GLY A 755 -0.09 -10.47 -18.21
C GLY A 755 0.73 -9.82 -19.30
N MET A 756 1.01 -8.53 -19.20
CA MET A 756 1.84 -7.86 -20.18
C MET A 756 3.30 -8.14 -19.89
N ILE A 757 4.07 -8.42 -20.95
CA ILE A 757 5.52 -8.52 -20.89
C ILE A 757 6.08 -7.31 -21.61
N GLY A 758 6.97 -6.58 -20.93
CA GLY A 758 7.61 -5.42 -21.52
C GLY A 758 9.12 -5.59 -21.52
N LEU A 759 9.78 -4.70 -22.25
CA LEU A 759 11.23 -4.73 -22.40
C LEU A 759 11.77 -3.33 -22.22
N VAL A 760 12.84 -3.20 -21.44
CA VAL A 760 13.51 -1.94 -21.18
C VAL A 760 14.96 -2.08 -21.64
N THR A 761 15.43 -1.11 -22.43
CA THR A 761 16.81 -1.11 -22.89
C THR A 761 17.36 0.31 -22.75
N SER A 762 18.67 0.44 -22.94
CA SER A 762 19.35 1.72 -22.78
C SER A 762 19.68 2.32 -24.13
N LEU A 763 19.49 3.63 -24.25
CA LEU A 763 19.75 4.37 -25.48
C LEU A 763 20.89 5.34 -25.28
N SER A 764 21.58 5.66 -26.37
CA SER A 764 22.54 6.74 -26.35
C SER A 764 21.81 8.08 -26.34
N GLU A 765 22.52 9.12 -25.90
CA GLU A 765 21.89 10.43 -25.78
C GLU A 765 21.36 10.91 -27.12
N SER A 766 22.11 10.69 -28.19
CA SER A 766 21.65 11.14 -29.51
C SER A 766 20.35 10.47 -29.90
N TRP A 767 20.28 9.15 -29.75
CA TRP A 767 19.07 8.43 -30.11
C TRP A 767 17.91 8.82 -29.20
N TYR A 768 18.19 9.03 -27.92
CA TYR A 768 17.13 9.47 -27.01
C TYR A 768 16.57 10.81 -27.43
N ASN A 769 17.43 11.76 -27.78
CA ASN A 769 16.95 13.06 -28.22
C ASN A 769 16.13 12.93 -29.50
N LEU A 770 16.63 12.14 -30.46
CA LEU A 770 15.90 11.96 -31.70
C LEU A 770 14.52 11.36 -31.46
N LEU A 771 14.43 10.35 -30.59
CA LEU A 771 13.15 9.70 -30.37
C LEU A 771 12.21 10.55 -29.53
N LEU A 772 12.74 11.39 -28.63
CA LEU A 772 11.90 12.34 -27.93
C LEU A 772 11.30 13.35 -28.91
N ASP A 773 12.12 13.85 -29.83
CA ASP A 773 11.60 14.70 -30.89
C ASP A 773 10.52 13.98 -31.68
N MET A 774 10.75 12.70 -32.01
CA MET A 774 9.78 11.94 -32.77
C MET A 774 8.47 11.79 -32.01
N GLN A 775 8.54 11.55 -30.70
CA GLN A 775 7.33 11.47 -29.90
C GLN A 775 6.56 12.77 -29.97
N ASN A 776 7.26 13.89 -29.81
CA ASN A 776 6.59 15.18 -29.87
C ASN A 776 5.94 15.40 -31.23
N ARG A 777 6.63 15.00 -32.31
CA ARG A 777 6.05 15.13 -33.65
C ARG A 777 4.81 14.26 -33.79
N LEU A 778 4.87 13.02 -33.31
CA LEU A 778 3.77 12.09 -33.52
C LEU A 778 2.54 12.49 -32.73
N ASN A 779 2.72 12.96 -31.49
CA ASN A 779 1.57 13.29 -30.66
C ASN A 779 0.66 14.31 -31.32
N LYS A 780 1.22 15.16 -32.18
CA LYS A 780 0.41 16.13 -32.92
C LYS A 780 -0.27 15.52 -34.14
N VAL A 781 0.16 14.34 -34.58
CA VAL A 781 -0.36 13.72 -35.79
C VAL A 781 -1.32 12.59 -35.48
N ILE A 782 -0.95 11.72 -34.53
CA ILE A 782 -1.79 10.56 -34.21
C ILE A 782 -3.02 11.03 -33.45
N LYS A 783 -4.19 10.53 -33.87
CA LYS A 783 -5.45 10.84 -33.20
C LYS A 783 -5.68 9.81 -32.10
N SER A 784 -5.50 10.23 -30.86
CA SER A 784 -5.75 9.33 -29.74
C SER A 784 -7.24 9.04 -29.61
N VAL A 785 -7.56 7.82 -29.21
CA VAL A 785 -8.95 7.45 -28.97
C VAL A 785 -9.38 8.03 -27.64
N GLY A 786 -10.49 8.77 -27.64
CA GLY A 786 -10.88 9.53 -26.47
C GLY A 786 -10.19 10.85 -26.34
N LYS A 787 -9.33 11.22 -27.29
CA LYS A 787 -8.66 12.52 -27.30
C LYS A 787 -7.89 12.75 -25.99
N ILE A 788 -7.27 11.69 -25.48
CA ILE A 788 -6.40 11.78 -24.32
C ILE A 788 -5.01 12.17 -24.80
N GLU A 789 -4.42 13.19 -24.17
CA GLU A 789 -3.07 13.60 -24.52
C GLU A 789 -2.08 12.53 -24.07
N HIS A 790 -1.08 12.27 -24.92
CA HIS A 790 -0.09 11.26 -24.60
C HIS A 790 0.73 11.66 -23.38
N SER A 791 1.10 12.94 -23.28
CA SER A 791 1.91 13.39 -22.16
C SER A 791 1.16 13.20 -20.84
N PHE A 792 -0.14 13.51 -20.82
CA PHE A 792 -0.93 13.25 -19.62
C PHE A 792 -0.98 11.76 -19.30
N TRP A 793 -1.11 10.93 -20.32
CA TRP A 793 -1.19 9.49 -20.10
C TRP A 793 0.10 8.96 -19.49
N ARG A 794 1.24 9.41 -19.98
CA ARG A 794 2.52 8.90 -19.52
C ARG A 794 3.10 9.70 -18.36
N SER A 795 2.42 10.76 -17.91
CA SER A 795 2.91 11.52 -16.77
C SER A 795 2.85 10.68 -15.50
N PHE A 796 3.92 10.75 -14.72
CA PHE A 796 3.94 10.14 -13.40
C PHE A 796 2.68 10.53 -12.64
N HIS A 797 2.06 9.57 -11.95
CA HIS A 797 0.69 9.75 -11.47
C HIS A 797 0.58 9.78 -9.96
N THR A 798 1.02 8.74 -9.25
CA THR A 798 0.71 8.60 -7.83
C THR A 798 -0.75 8.97 -7.58
N GLU A 799 -1.02 9.85 -6.61
CA GLU A 799 -2.39 10.25 -6.27
C GLU A 799 -2.40 11.75 -6.05
N ARG A 800 -3.05 12.49 -6.96
CA ARG A 800 -3.10 13.94 -6.91
C ARG A 800 -1.72 14.58 -6.94
N LYS A 801 -0.73 13.85 -7.47
CA LYS A 801 0.64 14.35 -7.55
C LYS A 801 1.25 13.78 -8.82
N THR A 802 1.23 14.56 -9.89
CA THR A 802 1.68 14.11 -11.20
C THR A 802 2.78 15.02 -11.70
N GLU A 803 3.85 14.42 -12.23
CA GLU A 803 4.93 15.14 -12.88
C GLU A 803 5.22 14.50 -14.22
N PRO A 804 5.70 15.29 -15.19
CA PRO A 804 5.92 14.73 -16.53
C PRO A 804 6.95 13.62 -16.52
N ALA A 805 6.76 12.65 -17.41
CA ALA A 805 7.72 11.56 -17.55
C ALA A 805 9.01 12.07 -18.17
N THR A 806 10.12 11.51 -17.73
CA THR A 806 11.43 11.87 -18.25
C THR A 806 12.32 10.63 -18.28
N GLY A 807 13.29 10.65 -19.19
CA GLY A 807 14.23 9.56 -19.28
C GLY A 807 13.71 8.30 -19.90
N PHE A 808 12.50 8.31 -20.45
CA PHE A 808 11.89 7.13 -21.04
C PHE A 808 11.30 7.48 -22.39
N ILE A 809 11.54 6.62 -23.37
CA ILE A 809 10.99 6.75 -24.71
C ILE A 809 9.88 5.71 -24.84
N ASP A 810 8.67 6.17 -25.13
CA ASP A 810 7.53 5.28 -25.27
C ASP A 810 7.69 4.50 -26.56
N GLY A 811 8.13 3.24 -26.44
CA GLY A 811 8.42 2.46 -27.63
C GLY A 811 7.20 2.20 -28.49
N ASP A 812 6.03 2.03 -27.86
CA ASP A 812 4.82 1.76 -28.61
C ASP A 812 4.45 2.94 -29.50
N LEU A 813 4.56 4.15 -28.97
CA LEU A 813 4.25 5.33 -29.77
C LEU A 813 5.21 5.45 -30.95
N ILE A 814 6.49 5.18 -30.73
CA ILE A 814 7.46 5.23 -31.83
C ILE A 814 7.12 4.17 -32.87
N GLU A 815 6.86 2.94 -32.43
CA GLU A 815 6.58 1.86 -33.37
C GLU A 815 5.31 2.13 -34.17
N SER A 816 4.37 2.88 -33.59
CA SER A 816 3.17 3.25 -34.34
C SER A 816 3.50 4.15 -35.52
N PHE A 817 4.70 4.70 -35.58
CA PHE A 817 5.09 5.56 -36.70
C PHE A 817 5.04 4.81 -38.02
N LEU A 818 5.20 3.49 -37.99
CA LEU A 818 5.23 2.70 -39.22
C LEU A 818 3.83 2.40 -39.76
N ASP A 819 2.78 2.65 -38.98
CA ASP A 819 1.42 2.28 -39.36
C ASP A 819 0.61 3.48 -39.83
N ILE A 820 1.24 4.61 -40.13
CA ILE A 820 0.54 5.80 -40.57
C ILE A 820 0.79 6.01 -42.06
N SER A 821 -0.12 6.74 -42.69
CA SER A 821 -0.03 6.98 -44.12
C SER A 821 1.19 7.86 -44.43
N ARG A 822 1.71 7.70 -45.65
CA ARG A 822 2.91 8.44 -46.03
C ARG A 822 2.73 9.95 -45.87
N PRO A 823 1.60 10.56 -46.21
CA PRO A 823 1.44 11.99 -45.91
C PRO A 823 1.62 12.31 -44.44
N LYS A 824 1.10 11.45 -43.56
CA LYS A 824 1.31 11.65 -42.13
C LYS A 824 2.79 11.53 -41.78
N MET A 825 3.48 10.57 -42.40
CA MET A 825 4.91 10.41 -42.17
C MET A 825 5.66 11.68 -42.58
N GLN A 826 5.29 12.26 -43.72
CA GLN A 826 5.91 13.50 -44.17
C GLN A 826 5.64 14.63 -43.19
N GLU A 827 4.41 14.72 -42.69
CA GLU A 827 4.11 15.74 -41.68
C GLU A 827 4.97 15.55 -40.44
N VAL A 828 5.13 14.30 -39.99
CA VAL A 828 5.93 14.03 -38.80
C VAL A 828 7.38 14.41 -39.03
N VAL A 829 7.93 14.04 -40.18
CA VAL A 829 9.32 14.33 -40.51
C VAL A 829 9.36 15.65 -41.28
N ALA A 830 9.78 16.71 -40.60
CA ALA A 830 9.85 18.03 -41.23
C ALA A 830 10.74 18.90 -40.37
N ASN A 831 11.81 19.43 -40.96
CA ASN A 831 12.78 20.25 -40.23
C ASN A 831 13.43 19.47 -39.08
N LEU A 832 13.48 18.14 -39.21
CA LEU A 832 14.18 17.32 -38.24
C LEU A 832 15.63 17.14 -38.67
N GLN A 833 16.50 16.86 -37.70
CA GLN A 833 17.92 16.70 -37.92
C GLN A 833 18.30 15.25 -37.67
N TYR A 834 18.93 14.61 -38.66
CA TYR A 834 19.36 13.23 -38.56
C TYR A 834 20.80 13.12 -39.05
N ASP A 835 21.56 12.21 -38.45
CA ASP A 835 22.95 11.98 -38.83
C ASP A 835 23.06 10.82 -39.80
N LYS A 841 25.28 17.87 -38.82
CA LYS A 841 24.11 17.01 -38.94
C LYS A 841 23.57 17.07 -40.36
N ARG A 842 22.35 16.59 -40.58
CA ARG A 842 21.77 16.55 -41.92
C ARG A 842 20.28 16.82 -41.81
N GLU A 843 19.62 16.86 -42.95
CA GLU A 843 18.16 17.04 -43.01
C GLU A 843 17.51 15.66 -43.01
N ALA A 844 16.86 15.32 -41.90
CA ALA A 844 16.26 14.00 -41.77
C ALA A 844 15.16 13.81 -42.80
N THR A 845 15.06 12.59 -43.31
CA THR A 845 14.05 12.21 -44.29
C THR A 845 13.17 11.10 -43.73
N ALA A 846 12.01 10.92 -44.36
CA ALA A 846 11.06 9.93 -43.87
C ALA A 846 11.68 8.53 -43.85
N ASP A 847 12.43 8.19 -44.88
CA ASP A 847 13.00 6.85 -44.97
C ASP A 847 14.05 6.60 -43.90
N ASP A 848 14.81 7.62 -43.51
CA ASP A 848 15.78 7.44 -42.44
C ASP A 848 15.08 7.09 -41.13
N LEU A 849 13.99 7.79 -40.82
CA LEU A 849 13.25 7.47 -39.61
C LEU A 849 12.56 6.12 -39.71
N ILE A 850 12.10 5.75 -40.90
CA ILE A 850 11.55 4.40 -41.09
C ILE A 850 12.62 3.37 -40.77
N LYS A 851 13.84 3.59 -41.25
CA LYS A 851 14.94 2.67 -40.96
C LYS A 851 15.22 2.61 -39.46
N VAL A 852 15.23 3.76 -38.79
CA VAL A 852 15.52 3.79 -37.36
C VAL A 852 14.45 3.01 -36.59
N VAL A 853 13.18 3.24 -36.92
CA VAL A 853 12.10 2.56 -36.22
C VAL A 853 12.13 1.06 -36.51
N GLU A 854 12.47 0.69 -37.75
CA GLU A 854 12.59 -0.73 -38.06
C GLU A 854 13.71 -1.37 -37.26
N GLU A 855 14.84 -0.67 -37.11
CA GLU A 855 15.91 -1.19 -36.27
C GLU A 855 15.45 -1.34 -34.82
N LEU A 856 14.68 -0.38 -34.33
CA LEU A 856 14.18 -0.47 -32.96
C LEU A 856 13.25 -1.66 -32.79
N THR A 857 12.42 -1.94 -33.80
CA THR A 857 11.46 -3.03 -33.70
C THR A 857 12.10 -4.40 -33.60
N ARG A 858 13.40 -4.52 -33.88
CA ARG A 858 14.06 -5.81 -33.88
C ARG A 858 14.57 -6.23 -32.52
N ILE A 859 14.52 -5.36 -31.51
CA ILE A 859 14.98 -5.73 -30.17
C ILE A 859 13.97 -6.59 -29.43
N HIS A 860 12.77 -6.74 -29.96
CA HIS A 860 11.75 -7.56 -29.32
C HIS A 860 10.90 -8.30 -30.35
N PRO B 87 -0.49 -2.52 40.96
CA PRO B 87 -1.22 -2.08 39.78
C PRO B 87 -2.73 -2.22 39.95
N ASN B 88 -3.27 -1.56 40.96
CA ASN B 88 -4.69 -1.66 41.26
C ASN B 88 -5.52 -0.93 40.22
N ILE B 89 -6.83 -1.20 40.23
CA ILE B 89 -7.73 -0.53 39.31
C ILE B 89 -7.68 0.98 39.57
N ILE B 90 -7.67 1.75 38.49
CA ILE B 90 -7.47 3.19 38.57
C ILE B 90 -8.84 3.83 38.81
N ASN B 91 -9.15 4.08 40.08
CA ASN B 91 -10.29 4.93 40.41
C ASN B 91 -10.03 6.38 40.02
N PHE B 92 -8.76 6.74 39.84
CA PHE B 92 -8.39 8.14 39.63
C PHE B 92 -8.97 8.65 38.32
N ASP B 93 -9.43 9.90 38.34
CA ASP B 93 -9.91 10.57 37.13
C ASP B 93 -8.71 10.92 36.27
N THR B 94 -8.41 10.06 35.29
CA THR B 94 -7.21 10.23 34.48
C THR B 94 -7.22 11.54 33.71
N SER B 95 -8.40 12.16 33.52
CA SER B 95 -8.47 13.44 32.84
C SER B 95 -7.91 14.58 33.66
N LEU B 96 -7.62 14.36 34.95
CA LEU B 96 -7.17 15.46 35.79
C LEU B 96 -5.82 16.01 35.35
N PRO B 97 -4.74 15.24 35.32
CA PRO B 97 -3.43 15.84 35.04
C PRO B 97 -3.36 16.56 33.71
N THR B 98 -4.10 16.10 32.70
CA THR B 98 -4.04 16.76 31.40
C THR B 98 -4.51 18.21 31.46
N SER B 99 -5.27 18.57 32.50
CA SER B 99 -5.75 19.94 32.64
C SER B 99 -4.73 20.88 33.25
N HIS B 100 -3.66 20.35 33.84
CA HIS B 100 -2.63 21.18 34.47
C HIS B 100 -3.24 22.15 35.48
N THR B 101 -4.12 21.62 36.33
CA THR B 101 -4.73 22.45 37.35
C THR B 101 -3.69 23.07 38.26
N TYR B 102 -2.55 22.40 38.45
CA TYR B 102 -1.52 22.92 39.34
C TYR B 102 -1.05 24.30 38.90
N LEU B 103 -1.04 24.58 37.60
CA LEU B 103 -0.55 25.86 37.13
C LEU B 103 -1.37 27.01 37.69
N GLY B 104 -2.68 26.88 37.67
CA GLY B 104 -3.54 27.93 38.20
C GLY B 104 -4.98 27.72 37.76
N ALA B 105 -5.76 28.79 37.92
CA ALA B 105 -7.17 28.76 37.57
C ALA B 105 -7.32 28.87 36.06
N ASP B 106 -8.55 29.08 35.58
CA ASP B 106 -8.79 29.17 34.16
C ASP B 106 -7.90 30.24 33.53
N MET B 107 -7.58 30.04 32.26
CA MET B 107 -6.70 30.92 31.52
C MET B 107 -7.33 31.25 30.17
N GLU B 108 -6.89 32.35 29.59
CA GLU B 108 -7.37 32.73 28.26
C GLU B 108 -7.06 31.62 27.27
N GLU B 109 -8.10 30.94 26.79
CA GLU B 109 -7.95 29.81 25.88
C GLU B 109 -8.23 30.26 24.46
N PHE B 110 -7.28 30.02 23.55
CA PHE B 110 -7.43 30.36 22.15
C PHE B 110 -7.70 29.10 21.36
N HIS B 111 -8.81 29.10 20.63
CA HIS B 111 -9.19 27.98 19.77
C HIS B 111 -8.85 28.23 18.31
N GLY B 112 -8.07 29.26 18.01
CA GLY B 112 -7.75 29.61 16.65
C GLY B 112 -6.63 28.76 16.07
N ARG B 113 -6.96 27.53 15.70
CA ARG B 113 -5.96 26.64 15.12
C ARG B 113 -5.35 27.29 13.88
N THR B 114 -4.02 27.27 13.80
CA THR B 114 -3.29 27.87 12.69
C THR B 114 -2.32 26.84 12.13
N LEU B 115 -2.38 26.62 10.82
CA LEU B 115 -1.48 25.69 10.15
C LEU B 115 -0.97 26.34 8.87
N HIS B 116 0.25 25.94 8.49
CA HIS B 116 0.88 26.44 7.28
C HIS B 116 0.89 25.35 6.21
N ASP B 117 0.81 25.76 4.96
CA ASP B 117 0.73 24.80 3.86
C ASP B 117 2.04 24.03 3.73
N ASP B 118 1.94 22.89 3.06
CA ASP B 118 3.07 21.98 2.97
C ASP B 118 4.29 22.68 2.39
N ASP B 119 5.43 22.54 3.07
CA ASP B 119 6.71 23.12 2.66
C ASP B 119 6.66 24.65 2.57
N SER B 120 5.57 25.27 3.01
CA SER B 120 5.49 26.72 2.97
C SER B 120 6.56 27.33 3.85
N CYS B 121 7.39 28.19 3.27
CA CYS B 121 8.45 28.84 4.02
C CYS B 121 7.84 29.86 4.98
N GLN B 122 8.29 29.82 6.23
CA GLN B 122 7.78 30.70 7.28
C GLN B 122 8.94 31.25 8.09
N VAL B 123 8.66 32.29 8.86
CA VAL B 123 9.61 32.86 9.81
C VAL B 123 8.91 32.90 11.15
N ILE B 124 9.50 32.25 12.16
CA ILE B 124 8.84 32.15 13.46
C ILE B 124 9.84 32.42 14.58
N PRO B 125 9.34 32.85 15.73
CA PRO B 125 10.23 33.12 16.87
C PRO B 125 10.59 31.86 17.63
N VAL B 126 11.49 32.01 18.58
CA VAL B 126 12.01 30.92 19.39
C VAL B 126 12.14 31.39 20.82
N LEU B 127 11.85 30.51 21.77
CA LEU B 127 12.03 30.80 23.18
C LEU B 127 13.31 30.16 23.68
N PRO B 128 14.33 30.93 24.10
CA PRO B 128 15.56 30.28 24.59
C PRO B 128 15.33 29.44 25.83
N GLN B 129 14.28 29.72 26.59
CA GLN B 129 14.00 28.96 27.80
C GLN B 129 13.74 27.50 27.48
N VAL B 130 12.94 27.24 26.44
CA VAL B 130 12.54 25.87 26.14
C VAL B 130 13.68 25.13 25.47
N MET B 131 13.83 23.85 25.81
CA MET B 131 14.81 23.00 25.15
C MET B 131 14.30 21.59 24.86
N MET B 132 13.05 21.28 25.17
CA MET B 132 12.54 19.92 25.06
C MET B 132 12.16 19.61 23.62
N ILE B 133 12.23 18.32 23.29
CA ILE B 133 11.81 17.84 21.97
C ILE B 133 10.29 17.76 21.99
N LEU B 134 9.63 18.63 21.25
CA LEU B 134 8.18 18.68 21.20
C LEU B 134 7.69 17.89 19.99
N ILE B 135 6.84 16.90 20.24
CA ILE B 135 6.23 16.10 19.19
C ILE B 135 4.86 16.70 18.88
N PRO B 136 4.47 16.83 17.61
CA PRO B 136 3.16 17.41 17.32
C PRO B 136 2.06 16.64 18.04
N GLY B 137 1.13 17.38 18.61
CA GLY B 137 0.06 16.81 19.41
C GLY B 137 0.36 16.72 20.89
N GLN B 138 1.60 16.92 21.30
CA GLN B 138 1.97 16.88 22.71
C GLN B 138 1.86 18.27 23.32
N THR B 139 1.41 18.33 24.56
CA THR B 139 1.17 19.59 25.24
C THR B 139 2.42 20.00 26.03
N LEU B 140 2.84 21.24 25.84
CA LEU B 140 4.00 21.79 26.53
C LEU B 140 3.57 22.93 27.43
N PRO B 141 3.66 22.79 28.76
CA PRO B 141 3.42 23.93 29.64
C PRO B 141 4.70 24.65 30.02
N LEU B 142 4.57 25.96 30.22
CA LEU B 142 5.73 26.82 30.44
C LEU B 142 5.38 27.94 31.41
N GLN B 143 6.42 28.45 32.06
CA GLN B 143 6.35 29.69 32.82
C GLN B 143 7.51 30.58 32.41
N LEU B 144 7.24 31.86 32.17
CA LEU B 144 8.27 32.79 31.73
C LEU B 144 8.23 34.03 32.62
N PHE B 145 9.41 34.40 33.13
CA PHE B 145 9.60 35.56 33.99
C PHE B 145 10.49 36.62 33.40
N HIS B 146 11.43 36.24 32.54
CA HIS B 146 12.33 37.23 31.94
C HIS B 146 11.54 38.20 31.08
N PRO B 147 11.81 39.51 31.18
CA PRO B 147 10.98 40.46 30.43
C PRO B 147 10.99 40.24 28.93
N GLN B 148 12.12 39.83 28.35
CA GLN B 148 12.17 39.61 26.91
C GLN B 148 11.18 38.53 26.50
N GLU B 149 11.16 37.42 27.23
CA GLU B 149 10.23 36.33 26.92
C GLU B 149 8.78 36.78 27.11
N VAL B 150 8.52 37.55 28.16
CA VAL B 150 7.16 38.04 28.40
C VAL B 150 6.70 38.91 27.23
N SER B 151 7.58 39.81 26.78
CA SER B 151 7.23 40.65 25.63
C SER B 151 7.01 39.83 24.38
N MET B 152 7.87 38.82 24.16
CA MET B 152 7.73 38.00 22.97
C MET B 152 6.41 37.24 22.97
N VAL B 153 6.04 36.66 24.12
CA VAL B 153 4.76 35.95 24.18
C VAL B 153 3.60 36.93 24.04
N ARG B 154 3.74 38.15 24.58
CA ARG B 154 2.70 39.15 24.40
C ARG B 154 2.50 39.47 22.92
N ASN B 155 3.61 39.60 22.18
CA ASN B 155 3.51 39.77 20.74
C ASN B 155 2.84 38.57 20.10
N LEU B 156 3.21 37.36 20.53
CA LEU B 156 2.69 36.15 19.92
C LEU B 156 1.19 36.00 20.14
N ILE B 157 0.67 36.50 21.26
CA ILE B 157 -0.77 36.43 21.49
C ILE B 157 -1.51 37.11 20.35
N GLN B 158 -1.03 38.27 19.92
CA GLN B 158 -1.45 38.81 18.64
C GLN B 158 -0.83 37.98 17.52
N LYS B 159 -1.41 38.10 16.33
CA LYS B 159 -1.00 37.31 15.18
C LYS B 159 -1.44 35.86 15.33
N ASP B 160 -0.51 34.91 15.34
CA ASP B 160 -0.85 33.49 15.24
C ASP B 160 -0.70 32.71 16.53
N ARG B 161 0.06 33.22 17.50
CA ARG B 161 0.31 32.52 18.77
C ARG B 161 1.18 31.29 18.58
N THR B 162 1.89 31.19 17.48
CA THR B 162 2.70 30.03 17.15
C THR B 162 4.17 30.40 17.23
N PHE B 163 4.93 29.63 17.99
CA PHE B 163 6.38 29.79 18.04
C PHE B 163 7.03 28.44 17.71
N ALA B 164 8.35 28.38 17.82
CA ALA B 164 9.11 27.21 17.43
C ALA B 164 9.85 26.62 18.62
N VAL B 165 9.97 25.30 18.63
CA VAL B 165 10.79 24.59 19.61
C VAL B 165 11.82 23.80 18.83
N LEU B 166 13.09 24.10 19.07
CA LEU B 166 14.17 23.45 18.34
C LEU B 166 14.49 22.10 18.96
N ALA B 167 14.62 21.08 18.11
CA ALA B 167 14.98 19.75 18.56
C ALA B 167 16.50 19.69 18.63
N TYR B 168 17.04 20.09 19.76
CA TYR B 168 18.49 20.18 19.93
C TYR B 168 19.10 18.79 19.90
N SER B 169 19.79 18.46 18.81
CA SER B 169 20.56 17.22 18.79
C SER B 169 21.67 17.25 19.83
N ASN B 170 22.36 18.39 19.94
CA ASN B 170 23.34 18.63 20.99
C ASN B 170 22.92 19.87 21.76
N VAL B 171 22.67 19.71 23.06
CA VAL B 171 22.13 20.81 23.85
C VAL B 171 23.07 22.01 23.77
N GLN B 172 24.37 21.78 23.84
CA GLN B 172 25.32 22.86 23.70
C GLN B 172 25.27 23.44 22.29
N GLU B 173 25.62 24.72 22.19
CA GLU B 173 25.69 25.47 20.92
C GLU B 173 24.42 25.33 20.08
N ARG B 174 23.32 24.89 20.67
CA ARG B 174 22.00 24.94 20.05
C ARG B 174 22.04 24.45 18.60
N GLU B 175 22.34 23.16 18.45
CA GLU B 175 22.47 22.56 17.13
C GLU B 175 21.22 22.80 16.29
N ALA B 176 20.09 22.23 16.70
CA ALA B 176 18.77 22.60 16.18
C ALA B 176 18.71 22.46 14.65
N GLN B 177 18.80 21.22 14.19
CA GLN B 177 18.62 20.92 12.77
C GLN B 177 17.19 20.60 12.40
N PHE B 178 16.31 20.39 13.38
CA PHE B 178 14.90 20.13 13.15
C PHE B 178 14.11 20.77 14.27
N GLY B 179 12.82 21.02 14.04
CA GLY B 179 12.03 21.63 15.09
C GLY B 179 10.56 21.34 14.92
N THR B 180 9.79 21.85 15.90
CA THR B 180 8.35 21.66 15.91
C THR B 180 7.66 22.97 16.24
N THR B 181 6.59 23.27 15.50
CA THR B 181 5.80 24.46 15.81
C THR B 181 4.87 24.18 16.98
N ALA B 182 4.89 25.07 17.96
CA ALA B 182 4.02 24.99 19.13
C ALA B 182 3.05 26.16 19.07
N GLU B 183 1.75 25.85 19.10
CA GLU B 183 0.71 26.85 19.04
C GLU B 183 0.17 27.08 20.44
N ILE B 184 0.38 28.29 20.96
CA ILE B 184 -0.08 28.62 22.31
C ILE B 184 -1.60 28.55 22.34
N TYR B 185 -2.13 27.71 23.23
CA TYR B 185 -3.57 27.56 23.37
C TYR B 185 -4.08 27.92 24.75
N ALA B 186 -3.20 28.25 25.70
CA ALA B 186 -3.64 28.76 26.98
C ALA B 186 -2.63 29.77 27.49
N TYR B 187 -3.12 30.91 27.99
CA TYR B 187 -2.28 31.98 28.47
C TYR B 187 -2.87 32.56 29.74
N ARG B 188 -2.01 32.82 30.72
CA ARG B 188 -2.37 33.52 31.94
C ARG B 188 -1.24 34.45 32.32
N GLU B 189 -1.59 35.54 33.00
CA GLU B 189 -0.62 36.52 33.47
C GLU B 189 -0.86 36.81 34.94
N GLU B 190 0.22 36.92 35.71
CA GLU B 190 0.13 37.20 37.14
C GLU B 190 1.26 38.13 37.53
N GLN B 191 1.03 38.89 38.60
CA GLN B 191 2.01 39.82 39.13
C GLN B 191 2.49 39.43 40.52
N ASP B 192 2.29 38.18 40.90
CA ASP B 192 2.77 37.71 42.20
C ASP B 192 4.30 37.80 42.25
N PHE B 193 4.83 37.96 43.47
CA PHE B 193 6.24 38.20 43.77
C PHE B 193 6.66 39.61 43.36
N GLY B 194 5.74 40.45 42.90
CA GLY B 194 6.10 41.78 42.43
C GLY B 194 6.66 41.81 41.03
N ILE B 195 6.73 40.68 40.34
CA ILE B 195 7.30 40.59 39.00
C ILE B 195 6.25 40.05 38.06
N GLU B 196 6.28 40.52 36.82
CA GLU B 196 5.38 40.01 35.78
C GLU B 196 5.76 38.58 35.43
N ILE B 197 4.79 37.68 35.50
CA ILE B 197 4.99 36.27 35.20
C ILE B 197 3.89 35.82 34.25
N VAL B 198 4.26 35.04 33.24
CA VAL B 198 3.30 34.55 32.25
C VAL B 198 3.35 33.03 32.23
N LYS B 199 2.19 32.40 32.33
CA LYS B 199 2.06 30.96 32.29
C LYS B 199 1.36 30.57 30.99
N VAL B 200 1.91 29.57 30.30
CA VAL B 200 1.47 29.23 28.97
C VAL B 200 1.30 27.71 28.85
N LYS B 201 0.36 27.31 27.99
CA LYS B 201 0.25 25.92 27.54
C LYS B 201 0.14 25.97 26.02
N ALA B 202 1.14 25.42 25.34
CA ALA B 202 1.16 25.29 23.90
C ALA B 202 1.00 23.83 23.51
N ILE B 203 0.77 23.60 22.23
CA ILE B 203 0.60 22.25 21.71
C ILE B 203 1.38 22.14 20.41
N GLY B 204 2.18 21.08 20.29
CA GLY B 204 2.90 20.82 19.06
C GLY B 204 1.95 20.68 17.88
N ARG B 205 2.24 21.34 16.77
CA ARG B 205 1.36 21.34 15.61
C ARG B 205 1.98 20.73 14.37
N GLN B 206 3.15 21.19 13.97
CA GLN B 206 3.77 20.75 12.73
C GLN B 206 5.27 20.66 12.89
N ARG B 207 5.86 19.61 12.32
CA ARG B 207 7.31 19.50 12.26
C ARG B 207 7.85 20.41 11.15
N PHE B 208 9.11 20.75 11.26
CA PHE B 208 9.72 21.59 10.24
C PHE B 208 11.23 21.41 10.25
N LYS B 209 11.83 21.77 9.12
CA LYS B 209 13.28 21.85 8.98
C LYS B 209 13.71 23.30 9.13
N VAL B 210 14.77 23.52 9.89
CA VAL B 210 15.28 24.87 10.12
C VAL B 210 16.21 25.24 8.96
N LEU B 211 15.88 26.32 8.27
CA LEU B 211 16.69 26.78 7.14
C LEU B 211 17.73 27.81 7.58
N GLU B 212 17.38 28.68 8.52
CA GLU B 212 18.29 29.74 8.95
C GLU B 212 17.89 30.19 10.34
N LEU B 213 18.84 30.19 11.27
CA LEU B 213 18.62 30.64 12.64
C LEU B 213 19.46 31.88 12.87
N ARG B 214 18.80 33.00 13.21
CA ARG B 214 19.46 34.28 13.39
C ARG B 214 18.96 34.94 14.67
N THR B 215 19.87 35.55 15.41
CA THR B 215 19.52 36.26 16.63
C THR B 215 19.04 37.67 16.30
N GLN B 216 18.04 38.13 17.05
CA GLN B 216 17.50 39.47 16.89
C GLN B 216 18.13 40.40 17.92
N SER B 217 17.90 41.70 17.72
CA SER B 217 18.41 42.70 18.65
C SER B 217 17.76 42.61 20.02
N ASP B 218 16.58 42.01 20.11
CA ASP B 218 15.89 41.83 21.39
C ASP B 218 16.25 40.53 22.08
N GLY B 219 17.15 39.73 21.51
CA GLY B 219 17.54 38.48 22.12
C GLY B 219 16.64 37.31 21.81
N ILE B 220 15.64 37.49 20.94
CA ILE B 220 14.72 36.43 20.58
C ILE B 220 15.13 35.90 19.21
N GLN B 221 15.64 34.67 19.18
CA GLN B 221 16.03 34.08 17.90
C GLN B 221 14.82 33.91 17.00
N GLN B 222 14.98 34.29 15.75
CA GLN B 222 13.95 34.10 14.73
C GLN B 222 14.50 33.14 13.67
N ALA B 223 13.71 32.12 13.35
CA ALA B 223 14.17 31.01 12.53
C ALA B 223 13.33 30.88 11.27
N LYS B 224 14.02 30.53 10.19
CA LYS B 224 13.36 30.15 8.94
C LYS B 224 12.90 28.70 9.02
N VAL B 225 11.70 28.45 8.52
CA VAL B 225 10.99 27.20 8.74
C VAL B 225 10.52 26.67 7.40
N GLN B 226 10.95 25.48 7.04
CA GLN B 226 10.36 24.72 5.94
C GLN B 226 9.42 23.70 6.56
N ILE B 227 8.12 23.92 6.40
CA ILE B 227 7.10 23.07 7.01
C ILE B 227 7.16 21.69 6.38
N LEU B 228 7.65 20.70 7.13
CA LEU B 228 7.72 19.36 6.60
C LEU B 228 6.31 18.83 6.34
N PRO B 229 6.14 18.03 5.28
CA PRO B 229 4.81 17.52 4.96
C PRO B 229 4.54 16.17 5.64
N GLU B 230 3.26 15.80 5.64
CA GLU B 230 2.81 14.51 6.14
C GLU B 230 2.62 13.60 4.93
N CYS B 231 3.61 12.74 4.68
CA CYS B 231 3.55 11.83 3.55
C CYS B 231 2.48 10.78 3.82
N VAL B 232 1.35 10.89 3.12
CA VAL B 232 0.23 9.95 3.26
C VAL B 232 0.24 9.03 2.06
N LEU B 233 0.38 7.74 2.30
CA LEU B 233 0.39 6.75 1.24
C LEU B 233 -0.95 6.06 1.14
N PRO B 234 -1.34 5.60 -0.04
CA PRO B 234 -2.59 4.84 -0.16
C PRO B 234 -2.43 3.44 0.41
N SER B 235 -3.49 2.63 0.32
CA SER B 235 -3.38 1.25 0.77
C SER B 235 -2.40 0.49 -0.12
N THR B 236 -1.75 -0.52 0.47
CA THR B 236 -0.73 -1.25 -0.27
C THR B 236 -1.33 -1.93 -1.50
N MET B 237 -2.55 -2.46 -1.38
CA MET B 237 -3.20 -3.16 -2.47
C MET B 237 -4.07 -2.26 -3.32
N SER B 238 -4.05 -0.95 -3.07
CA SER B 238 -4.89 -0.05 -3.87
C SER B 238 -4.54 -0.13 -5.35
N ALA B 239 -3.25 -0.20 -5.66
CA ALA B 239 -2.84 -0.34 -7.05
C ALA B 239 -3.26 -1.69 -7.62
N VAL B 240 -2.99 -2.76 -6.89
CA VAL B 240 -3.33 -4.12 -7.32
C VAL B 240 -4.64 -4.47 -6.60
N GLN B 241 -5.76 -4.20 -7.26
CA GLN B 241 -7.06 -4.54 -6.71
C GLN B 241 -8.00 -4.88 -7.85
N LEU B 242 -8.49 -6.11 -7.84
CA LEU B 242 -9.47 -6.52 -8.85
C LEU B 242 -10.72 -5.68 -8.72
N GLU B 243 -11.21 -5.17 -9.86
CA GLU B 243 -12.38 -4.30 -9.82
C GLU B 243 -13.60 -5.01 -9.26
N SER B 244 -13.68 -6.33 -9.43
CA SER B 244 -14.81 -7.08 -8.89
C SER B 244 -14.75 -7.14 -7.37
N LEU B 245 -13.55 -7.29 -6.81
CA LEU B 245 -13.40 -7.36 -5.36
C LEU B 245 -13.37 -6.00 -4.70
N ASN B 246 -13.22 -4.92 -5.46
CA ASN B 246 -13.31 -3.58 -4.88
C ASN B 246 -14.58 -3.46 -4.06
N LYS B 247 -15.72 -3.82 -4.66
CA LYS B 247 -16.94 -4.02 -3.90
C LYS B 247 -16.72 -5.11 -2.85
N CYS B 248 -17.25 -4.88 -1.65
CA CYS B 248 -17.09 -5.73 -0.48
C CYS B 248 -15.76 -5.50 0.23
N GLN B 249 -14.96 -4.52 -0.20
CA GLN B 249 -13.75 -4.18 0.53
C GLN B 249 -14.05 -3.57 1.89
N ILE B 250 -15.23 -2.98 2.06
CA ILE B 250 -15.63 -2.41 3.34
C ILE B 250 -16.08 -3.55 4.25
N PHE B 251 -15.45 -3.67 5.40
CA PHE B 251 -15.82 -4.71 6.34
C PHE B 251 -17.04 -4.29 7.16
N PRO B 252 -17.81 -5.25 7.67
CA PRO B 252 -19.05 -4.88 8.36
C PRO B 252 -18.81 -4.02 9.59
N SER B 253 -18.02 -4.52 10.54
CA SER B 253 -17.73 -3.79 11.76
C SER B 253 -16.77 -4.66 12.59
N LYS B 254 -16.31 -4.08 13.70
CA LYS B 254 -15.49 -4.82 14.65
C LYS B 254 -16.34 -5.27 15.82
N PRO B 255 -16.26 -6.52 16.25
CA PRO B 255 -17.05 -6.95 17.41
C PRO B 255 -16.72 -6.12 18.64
N VAL B 256 -17.74 -5.84 19.44
CA VAL B 256 -17.57 -5.06 20.65
C VAL B 256 -16.55 -5.71 21.57
N GLN B 261 -9.67 -14.60 21.21
CA GLN B 261 -10.06 -15.48 20.12
C GLN B 261 -10.91 -14.73 19.10
N CYS B 262 -11.93 -14.02 19.59
CA CYS B 262 -12.80 -13.26 18.70
C CYS B 262 -11.99 -12.21 17.94
N SER B 263 -11.14 -11.48 18.65
CA SER B 263 -10.27 -10.51 18.00
C SER B 263 -9.33 -11.20 17.02
N TYR B 264 -8.76 -12.34 17.43
CA TYR B 264 -7.84 -13.07 16.58
C TYR B 264 -8.54 -13.53 15.30
N LYS B 265 -9.75 -14.08 15.42
CA LYS B 265 -10.49 -14.52 14.25
C LYS B 265 -10.85 -13.35 13.36
N TRP B 266 -11.29 -12.24 13.95
CA TRP B 266 -11.65 -11.08 13.14
C TRP B 266 -10.43 -10.54 12.39
N TRP B 267 -9.27 -10.52 13.03
CA TRP B 267 -8.08 -10.03 12.35
C TRP B 267 -7.61 -10.99 11.27
N GLN B 268 -7.77 -12.30 11.49
CA GLN B 268 -7.48 -13.24 10.41
C GLN B 268 -8.39 -12.99 9.22
N LYS B 269 -9.68 -12.78 9.46
CA LYS B 269 -10.59 -12.49 8.36
C LYS B 269 -10.22 -11.18 7.68
N TYR B 270 -9.85 -10.18 8.46
CA TYR B 270 -9.46 -8.89 7.91
C TYR B 270 -8.25 -9.04 7.00
N GLN B 271 -7.24 -9.78 7.44
CA GLN B 271 -6.07 -10.01 6.61
C GLN B 271 -6.45 -10.78 5.35
N LYS B 272 -7.28 -11.81 5.48
CA LYS B 272 -7.63 -12.63 4.33
C LYS B 272 -8.37 -11.82 3.29
N ARG B 273 -9.29 -10.94 3.71
CA ARG B 273 -10.11 -10.22 2.75
C ARG B 273 -9.40 -8.98 2.20
N LYS B 274 -8.75 -8.21 3.06
CA LYS B 274 -8.13 -6.97 2.62
C LYS B 274 -7.01 -7.23 1.61
N PHE B 275 -6.18 -8.23 1.86
CA PHE B 275 -5.00 -8.50 1.05
C PHE B 275 -5.17 -9.73 0.16
N HIS B 276 -6.39 -9.96 -0.33
CA HIS B 276 -6.58 -11.09 -1.24
C HIS B 276 -5.78 -10.91 -2.52
N CYS B 277 -5.85 -9.72 -3.11
CA CYS B 277 -5.16 -9.45 -4.36
C CYS B 277 -3.64 -9.52 -4.19
N ALA B 278 -3.18 -9.77 -2.96
CA ALA B 278 -1.77 -10.06 -2.76
C ALA B 278 -1.33 -11.30 -3.52
N ASN B 279 -2.28 -12.16 -3.91
CA ASN B 279 -1.92 -13.30 -4.74
C ASN B 279 -1.54 -12.89 -6.15
N LEU B 280 -1.85 -11.66 -6.56
CA LEU B 280 -1.44 -11.15 -7.87
C LEU B 280 -0.01 -10.64 -7.87
N THR B 281 0.64 -10.55 -6.72
CA THR B 281 1.98 -10.00 -6.60
C THR B 281 2.93 -11.09 -6.12
N SER B 282 4.16 -10.69 -5.80
CA SER B 282 5.22 -11.61 -5.44
C SER B 282 5.44 -11.71 -3.94
N TRP B 283 4.51 -11.20 -3.13
CA TRP B 283 4.68 -11.20 -1.68
C TRP B 283 3.44 -11.78 -1.02
N PRO B 284 3.59 -12.35 0.18
CA PRO B 284 2.44 -12.94 0.87
C PRO B 284 1.58 -11.89 1.56
N ARG B 285 0.45 -12.36 2.09
CA ARG B 285 -0.46 -11.46 2.77
C ARG B 285 0.15 -10.89 4.04
N TRP B 286 0.82 -11.72 4.84
CA TRP B 286 1.42 -11.22 6.08
C TRP B 286 2.49 -10.18 5.81
N LEU B 287 3.19 -10.29 4.69
CA LEU B 287 4.17 -9.28 4.34
C LEU B 287 3.51 -7.92 4.17
N TYR B 288 2.34 -7.89 3.50
CA TYR B 288 1.62 -6.63 3.35
C TYR B 288 1.01 -6.19 4.67
N SER B 289 0.64 -7.13 5.54
CA SER B 289 0.17 -6.77 6.86
C SER B 289 1.25 -6.05 7.65
N LEU B 290 2.51 -6.44 7.44
CA LEU B 290 3.60 -5.77 8.15
C LEU B 290 3.71 -4.30 7.79
N TYR B 291 3.08 -3.87 6.70
CA TYR B 291 3.07 -2.46 6.30
C TYR B 291 1.66 -1.87 6.35
N ASP B 292 0.70 -2.56 6.95
CA ASP B 292 -0.66 -2.08 7.01
C ASP B 292 -0.83 -1.13 8.19
N ALA B 293 -1.40 0.05 7.93
CA ALA B 293 -1.58 1.02 9.01
C ALA B 293 -2.43 0.43 10.13
N GLU B 294 -3.60 -0.09 9.79
CA GLU B 294 -4.52 -0.55 10.82
C GLU B 294 -3.92 -1.68 11.64
N THR B 295 -3.24 -2.62 10.99
CA THR B 295 -2.64 -3.73 11.72
C THR B 295 -1.54 -3.24 12.65
N LEU B 296 -0.74 -2.29 12.20
CA LEU B 296 0.31 -1.75 13.05
C LEU B 296 -0.27 -1.03 14.26
N MET B 297 -1.33 -0.25 14.04
CA MET B 297 -1.98 0.40 15.18
C MET B 297 -2.57 -0.62 16.14
N ASP B 298 -3.13 -1.71 15.61
CA ASP B 298 -3.68 -2.74 16.49
C ASP B 298 -2.59 -3.40 17.31
N ARG B 299 -1.44 -3.68 16.70
CA ARG B 299 -0.34 -4.27 17.45
C ARG B 299 0.16 -3.31 18.52
N ILE B 300 0.26 -2.02 18.18
CA ILE B 300 0.71 -1.03 19.17
C ILE B 300 -0.30 -0.95 20.31
N LYS B 301 -1.59 -0.99 19.99
CA LYS B 301 -2.60 -0.98 21.04
C LYS B 301 -2.49 -2.21 21.92
N LYS B 302 -2.22 -3.37 21.31
CA LYS B 302 -2.06 -4.59 22.10
C LYS B 302 -0.90 -4.44 23.07
N GLN B 303 0.22 -3.87 22.62
CA GLN B 303 1.36 -3.68 23.52
C GLN B 303 1.14 -2.55 24.51
N LEU B 304 0.26 -1.60 24.21
CA LEU B 304 -0.05 -0.52 25.14
C LEU B 304 -0.98 -1.00 26.24
N ARG B 305 -1.91 -1.90 25.92
CA ARG B 305 -2.92 -2.31 26.88
C ARG B 305 -2.30 -2.83 28.16
N GLU B 306 -1.10 -3.41 28.07
CA GLU B 306 -0.39 -3.82 29.28
C GLU B 306 -0.15 -2.64 30.21
N TRP B 307 -0.02 -1.44 29.65
CA TRP B 307 0.17 -0.23 30.45
C TRP B 307 -1.13 0.37 30.97
N ASP B 308 -2.27 -0.07 30.45
CA ASP B 308 -3.54 0.51 30.88
C ASP B 308 -4.65 -0.51 30.59
N GLU B 309 -5.20 -1.10 31.64
CA GLU B 309 -6.28 -2.06 31.45
C GLU B 309 -7.58 -1.36 31.07
N ASN B 310 -7.76 -0.11 31.48
CA ASN B 310 -8.93 0.68 31.09
C ASN B 310 -8.72 1.42 29.78
N LEU B 311 -7.79 0.95 28.95
CA LEU B 311 -7.43 1.62 27.70
C LEU B 311 -8.51 1.36 26.66
N LYS B 312 -9.64 2.04 26.85
CA LYS B 312 -10.72 1.97 25.86
C LYS B 312 -10.26 2.59 24.55
N ASP B 313 -10.66 1.97 23.44
CA ASP B 313 -10.13 2.36 22.14
C ASP B 313 -10.36 3.84 21.86
N ASP B 314 -11.52 4.36 22.26
CA ASP B 314 -11.83 5.76 22.00
C ASP B 314 -10.80 6.69 22.62
N SER B 315 -10.17 6.27 23.73
CA SER B 315 -9.18 7.09 24.40
C SER B 315 -7.89 7.24 23.61
N LEU B 316 -7.69 6.44 22.56
CA LEU B 316 -6.53 6.55 21.71
C LEU B 316 -6.94 7.05 20.32
N PRO B 317 -6.09 7.81 19.64
CA PRO B 317 -6.48 8.33 18.33
C PRO B 317 -6.73 7.22 17.33
N SER B 318 -7.62 7.49 16.39
CA SER B 318 -7.92 6.56 15.30
C SER B 318 -7.18 6.88 14.02
N ASN B 319 -6.72 8.12 13.84
CA ASN B 319 -5.96 8.47 12.66
C ASN B 319 -4.54 7.90 12.77
N PRO B 320 -4.00 7.29 11.71
CA PRO B 320 -2.62 6.79 11.81
C PRO B 320 -1.61 7.85 12.18
N ILE B 321 -1.75 9.06 11.64
CA ILE B 321 -0.78 10.11 11.94
C ILE B 321 -0.87 10.52 13.40
N ASP B 322 -2.09 10.80 13.87
CA ASP B 322 -2.28 11.19 15.26
C ASP B 322 -1.88 10.07 16.20
N PHE B 323 -2.24 8.83 15.87
CA PHE B 323 -1.85 7.70 16.71
C PHE B 323 -0.34 7.57 16.78
N SER B 324 0.34 7.69 15.63
CA SER B 324 1.79 7.56 15.63
C SER B 324 2.44 8.66 16.46
N TYR B 325 1.96 9.90 16.34
CA TYR B 325 2.55 10.98 17.11
C TYR B 325 2.29 10.79 18.61
N ARG B 326 1.08 10.37 18.97
CA ARG B 326 0.78 10.12 20.38
C ARG B 326 1.72 9.05 20.93
N VAL B 327 1.88 7.95 20.20
CA VAL B 327 2.76 6.89 20.67
C VAL B 327 4.19 7.39 20.79
N ALA B 328 4.67 8.14 19.80
CA ALA B 328 6.02 8.67 19.87
C ALA B 328 6.20 9.57 21.09
N ALA B 329 5.17 10.35 21.42
CA ALA B 329 5.24 11.21 22.60
C ALA B 329 5.19 10.44 23.91
N CYS B 330 4.57 9.26 23.94
CA CYS B 330 4.42 8.51 25.18
C CYS B 330 5.50 7.45 25.37
N LEU B 331 6.47 7.35 24.47
CA LEU B 331 7.47 6.30 24.59
C LEU B 331 8.65 6.77 25.44
N PRO B 332 9.11 5.98 26.41
CA PRO B 332 10.29 6.35 27.21
C PRO B 332 11.61 6.03 26.50
N ILE B 333 12.03 6.96 25.63
CA ILE B 333 13.20 6.77 24.79
C ILE B 333 14.10 7.98 24.90
N ASP B 334 15.37 7.79 24.51
CA ASP B 334 16.34 8.87 24.56
C ASP B 334 16.01 9.94 23.53
N ASP B 335 16.82 10.99 23.50
CA ASP B 335 16.55 12.11 22.60
C ASP B 335 16.88 11.80 21.15
N VAL B 336 17.88 10.96 20.91
CA VAL B 336 18.22 10.59 19.54
C VAL B 336 17.06 9.86 18.88
N LEU B 337 16.44 8.93 19.60
CA LEU B 337 15.30 8.21 19.05
C LEU B 337 14.13 9.15 18.79
N ARG B 338 13.92 10.13 19.68
CA ARG B 338 12.87 11.11 19.44
C ARG B 338 13.16 11.92 18.18
N ILE B 339 14.42 12.30 17.98
CA ILE B 339 14.79 13.02 16.77
C ILE B 339 14.49 12.16 15.54
N GLN B 340 14.87 10.88 15.62
CA GLN B 340 14.62 9.98 14.50
C GLN B 340 13.14 9.88 14.19
N LEU B 341 12.32 9.72 15.22
CA LEU B 341 10.88 9.62 15.02
C LEU B 341 10.31 10.90 14.45
N LEU B 342 10.86 12.05 14.86
CA LEU B 342 10.42 13.32 14.31
C LEU B 342 10.76 13.43 12.83
N LYS B 343 11.94 12.93 12.44
CA LYS B 343 12.37 13.05 11.05
C LYS B 343 11.42 12.31 10.12
N ILE B 344 10.97 11.11 10.53
CA ILE B 344 10.11 10.31 9.67
C ILE B 344 8.85 11.09 9.35
N GLY B 345 8.45 11.07 8.08
CA GLY B 345 7.28 11.79 7.64
C GLY B 345 6.08 10.91 7.35
N SER B 346 6.32 9.62 7.19
CA SER B 346 5.27 8.67 6.87
C SER B 346 4.77 8.00 8.15
N ALA B 347 3.45 7.92 8.30
CA ALA B 347 2.89 7.29 9.49
C ALA B 347 3.25 5.83 9.57
N ILE B 348 3.29 5.14 8.42
CA ILE B 348 3.62 3.71 8.43
C ILE B 348 5.02 3.49 9.00
N GLN B 349 5.99 4.29 8.52
CA GLN B 349 7.35 4.14 9.01
C GLN B 349 7.45 4.48 10.49
N ARG B 350 6.74 5.53 10.92
CA ARG B 350 6.75 5.88 12.33
C ARG B 350 6.19 4.76 13.18
N LEU B 351 5.08 4.15 12.74
CA LEU B 351 4.50 3.05 13.50
C LEU B 351 5.44 1.85 13.55
N ARG B 352 6.10 1.54 12.42
CA ARG B 352 7.04 0.43 12.41
C ARG B 352 8.21 0.68 13.34
N CYS B 353 8.75 1.90 13.33
CA CYS B 353 9.85 2.22 14.23
C CYS B 353 9.40 2.17 15.68
N GLU B 354 8.18 2.63 15.96
CA GLU B 354 7.65 2.59 17.32
C GLU B 354 7.51 1.15 17.80
N LEU B 355 7.00 0.27 16.93
CA LEU B 355 6.91 -1.13 17.32
C LEU B 355 8.29 -1.73 17.57
N ASP B 356 9.25 -1.40 16.71
CA ASP B 356 10.62 -1.86 16.94
C ASP B 356 11.13 -1.40 18.31
N ILE B 357 10.93 -0.12 18.62
CA ILE B 357 11.43 0.43 19.88
C ILE B 357 10.75 -0.26 21.06
N MET B 358 9.43 -0.42 21.00
CA MET B 358 8.73 -1.07 22.10
C MET B 358 9.21 -2.49 22.29
N ASN B 359 9.38 -3.23 21.21
CA ASN B 359 9.79 -4.63 21.33
C ASN B 359 11.25 -4.76 21.79
N LYS B 360 12.07 -3.73 21.58
CA LYS B 360 13.48 -3.82 21.96
C LYS B 360 13.72 -3.33 23.39
N CYS B 361 13.38 -2.07 23.66
CA CYS B 361 13.69 -1.49 24.97
C CYS B 361 13.06 -2.30 26.09
N THR B 362 13.83 -2.52 27.15
CA THR B 362 13.36 -3.31 28.28
C THR B 362 13.47 -2.61 29.62
N SER B 363 14.57 -1.90 29.88
CA SER B 363 14.82 -1.35 31.20
C SER B 363 15.07 0.16 31.11
N LEU B 364 14.97 0.82 32.26
CA LEU B 364 15.24 2.25 32.38
C LEU B 364 16.26 2.43 33.49
N CYS B 365 17.42 2.99 33.14
CA CYS B 365 18.57 3.12 34.02
C CYS B 365 18.89 4.59 34.25
N CYS B 366 19.78 4.84 35.21
CA CYS B 366 20.14 6.20 35.59
C CYS B 366 21.10 6.81 34.57
N LYS B 367 20.85 8.08 34.24
CA LYS B 367 21.73 8.79 33.32
C LYS B 367 23.06 9.11 34.00
N GLN B 368 23.02 9.63 35.22
CA GLN B 368 24.24 9.96 35.95
C GLN B 368 25.02 8.70 36.34
N CYS B 369 24.43 7.53 36.19
CA CYS B 369 25.12 6.26 36.29
C CYS B 369 25.02 5.56 34.93
N GLN B 370 25.45 4.31 34.89
CA GLN B 370 25.31 3.50 33.69
C GLN B 370 24.82 2.09 33.99
N GLU B 371 24.58 1.75 35.25
CA GLU B 371 24.17 0.40 35.62
C GLU B 371 22.98 0.38 36.58
N THR B 372 22.72 1.45 37.32
CA THR B 372 21.59 1.46 38.24
C THR B 372 20.29 1.54 37.46
N GLU B 373 19.59 0.40 37.36
CA GLU B 373 18.31 0.36 36.67
C GLU B 373 17.23 0.84 37.61
N ILE B 374 16.53 1.90 37.22
CA ILE B 374 15.47 2.44 38.07
C ILE B 374 14.16 1.69 37.86
N THR B 375 13.92 1.14 36.67
CA THR B 375 12.67 0.41 36.48
C THR B 375 12.73 -0.38 35.18
N THR B 376 11.61 -0.98 34.82
CA THR B 376 11.46 -1.78 33.61
C THR B 376 10.18 -1.40 32.90
N LYS B 377 10.13 -1.74 31.61
CA LYS B 377 8.96 -1.39 30.81
C LYS B 377 7.67 -1.93 31.42
N ASN B 378 7.74 -3.04 32.14
CA ASN B 378 6.54 -3.66 32.68
C ASN B 378 5.85 -2.77 33.70
N GLU B 379 6.56 -1.84 34.31
CA GLU B 379 5.97 -0.98 35.34
C GLU B 379 5.24 0.22 34.78
N ILE B 380 5.47 0.56 33.51
CA ILE B 380 4.87 1.75 32.92
C ILE B 380 3.36 1.59 32.95
N PHE B 381 2.67 2.56 33.54
CA PHE B 381 1.21 2.57 33.58
C PHE B 381 0.71 3.99 33.38
N SER B 382 -0.40 4.11 32.67
CA SER B 382 -0.92 5.41 32.25
C SER B 382 -1.87 5.92 33.33
N LEU B 383 -1.55 7.10 33.87
CA LEU B 383 -2.41 7.78 34.83
C LEU B 383 -3.03 9.03 34.21
N SER B 384 -2.93 9.18 32.89
CA SER B 384 -3.42 10.35 32.20
C SER B 384 -3.95 9.96 30.83
N LEU B 385 -4.79 10.82 30.26
CA LEU B 385 -5.27 10.61 28.90
C LEU B 385 -4.16 10.79 27.87
N CYS B 386 -3.03 11.37 28.26
CA CYS B 386 -1.92 11.60 27.34
C CYS B 386 -0.90 10.47 27.35
N GLY B 387 -1.16 9.39 28.08
CA GLY B 387 -0.25 8.27 28.14
C GLY B 387 0.61 8.31 29.38
N PRO B 388 1.49 7.32 29.52
CA PRO B 388 2.33 7.25 30.72
C PRO B 388 3.23 8.46 30.92
N MET B 389 3.70 9.08 29.84
CA MET B 389 4.69 10.14 29.91
C MET B 389 4.09 11.46 29.44
N ALA B 390 4.31 12.51 30.21
CA ALA B 390 3.78 13.82 29.85
C ALA B 390 4.64 14.90 30.50
N ALA B 391 4.53 16.11 29.95
CA ALA B 391 5.36 17.23 30.37
C ALA B 391 4.61 18.13 31.34
N TYR B 392 5.30 18.53 32.41
CA TYR B 392 4.74 19.41 33.43
C TYR B 392 5.76 20.49 33.75
N VAL B 393 5.34 21.48 34.54
CA VAL B 393 6.20 22.58 34.93
C VAL B 393 6.27 22.64 36.44
N ASN B 394 7.33 23.24 36.94
CA ASN B 394 7.53 23.51 38.35
C ASN B 394 7.25 24.97 38.65
N PRO B 395 7.28 25.36 39.92
CA PRO B 395 7.04 26.77 40.24
C PRO B 395 8.05 27.71 39.61
N HIS B 396 9.21 27.23 39.21
CA HIS B 396 10.24 28.06 38.60
C HIS B 396 10.28 27.92 37.09
N GLY B 397 9.30 27.25 36.49
CA GLY B 397 9.18 27.19 35.05
C GLY B 397 9.88 26.04 34.38
N TYR B 398 10.71 25.30 35.10
CA TYR B 398 11.41 24.16 34.50
C TYR B 398 10.39 23.13 34.03
N VAL B 399 10.67 22.55 32.87
CA VAL B 399 9.77 21.58 32.25
C VAL B 399 10.35 20.19 32.44
N HIS B 400 9.56 19.30 33.02
CA HIS B 400 9.97 17.91 33.24
C HIS B 400 9.03 16.99 32.49
N GLU B 401 9.59 16.09 31.69
CA GLU B 401 8.82 15.03 31.05
C GLU B 401 8.80 13.84 32.00
N THR B 402 7.74 13.73 32.77
CA THR B 402 7.62 12.70 33.79
C THR B 402 6.87 11.50 33.24
N LEU B 403 7.42 10.32 33.50
CA LEU B 403 6.80 9.05 33.16
C LEU B 403 6.25 8.43 34.45
N THR B 404 4.99 8.03 34.41
CA THR B 404 4.31 7.49 35.59
C THR B 404 4.43 5.99 35.61
N VAL B 405 4.87 5.45 36.75
CA VAL B 405 5.01 4.02 36.94
C VAL B 405 4.45 3.64 38.30
N TYR B 406 4.11 2.37 38.44
CA TYR B 406 3.55 1.85 39.68
C TYR B 406 4.61 1.24 40.59
N LYS B 407 5.89 1.28 40.20
CA LYS B 407 6.95 0.74 41.02
C LYS B 407 8.28 1.30 40.55
N ALA B 408 9.15 1.63 41.50
CA ALA B 408 10.49 2.09 41.20
C ALA B 408 11.44 1.51 42.25
N CYS B 409 12.72 1.45 41.90
CA CYS B 409 13.72 0.88 42.78
C CYS B 409 14.99 1.72 42.74
N ASN B 410 15.77 1.62 43.81
CA ASN B 410 17.06 2.30 43.95
C ASN B 410 16.91 3.79 44.20
N LEU B 411 15.74 4.23 44.67
CA LEU B 411 15.45 5.65 44.84
C LEU B 411 15.57 6.02 46.31
N ASN B 412 16.39 7.04 46.60
CA ASN B 412 16.45 7.64 47.92
C ASN B 412 15.44 8.76 48.00
N LEU B 413 14.61 8.75 49.04
CA LEU B 413 13.52 9.70 49.20
C LEU B 413 13.95 10.85 50.10
N ILE B 414 13.61 12.07 49.70
CA ILE B 414 13.97 13.27 50.44
C ILE B 414 12.78 14.22 50.44
N GLY B 415 12.63 14.93 51.56
CA GLY B 415 11.49 15.79 51.76
C GLY B 415 10.34 15.04 52.42
N ARG B 416 9.20 15.72 52.48
CA ARG B 416 7.98 15.16 53.03
C ARG B 416 6.84 15.34 52.05
N PRO B 417 5.84 14.45 52.08
CA PRO B 417 4.70 14.59 51.16
C PRO B 417 4.06 15.96 51.25
N SER B 418 4.15 16.74 50.17
CA SER B 418 3.58 18.08 50.11
C SER B 418 2.59 18.12 48.95
N THR B 419 1.34 18.47 49.26
CA THR B 419 0.33 18.60 48.22
C THR B 419 0.54 19.83 47.35
N GLU B 420 1.45 20.72 47.73
CA GLU B 420 1.60 21.98 47.02
C GLU B 420 2.16 21.75 45.62
N HIS B 421 1.52 22.37 44.63
CA HIS B 421 1.98 22.32 43.24
C HIS B 421 2.16 20.88 42.78
N SER B 422 1.37 19.97 43.31
CA SER B 422 1.41 18.58 42.86
C SER B 422 0.83 18.47 41.46
N TRP B 423 1.54 17.78 40.58
CA TRP B 423 1.06 17.63 39.21
C TRP B 423 -0.13 16.68 39.12
N PHE B 424 -0.32 15.82 40.11
CA PHE B 424 -1.42 14.85 40.11
C PHE B 424 -2.35 15.18 41.27
N PRO B 425 -3.50 15.80 41.02
CA PRO B 425 -4.36 16.23 42.14
C PRO B 425 -4.72 15.07 43.04
N GLY B 426 -4.79 15.35 44.34
CA GLY B 426 -5.04 14.33 45.32
C GLY B 426 -3.84 13.50 45.69
N TYR B 427 -2.64 13.92 45.30
CA TYR B 427 -1.42 13.20 45.64
C TYR B 427 -0.36 14.19 46.10
N ALA B 428 0.49 13.73 47.02
CA ALA B 428 1.59 14.51 47.56
C ALA B 428 2.91 13.92 47.07
N TRP B 429 3.87 14.79 46.78
CA TRP B 429 5.10 14.40 46.13
C TRP B 429 6.29 14.55 47.07
N THR B 430 7.39 13.90 46.68
CA THR B 430 8.63 13.93 47.43
C THR B 430 9.78 13.69 46.47
N VAL B 431 10.92 14.30 46.76
CA VAL B 431 12.07 14.20 45.84
C VAL B 431 12.64 12.78 45.89
N ALA B 432 13.13 12.32 44.76
CA ALA B 432 13.75 11.01 44.63
C ALA B 432 15.08 11.14 43.90
N GLN B 433 16.11 10.49 44.43
CA GLN B 433 17.44 10.51 43.86
C GLN B 433 17.91 9.10 43.55
N CYS B 434 18.85 9.00 42.61
CA CYS B 434 19.52 7.73 42.36
C CYS B 434 20.32 7.31 43.58
N LYS B 435 20.25 6.03 43.93
CA LYS B 435 20.93 5.55 45.12
C LYS B 435 22.44 5.72 45.00
N ILE B 436 23.00 5.42 43.83
CA ILE B 436 24.46 5.40 43.68
C ILE B 436 25.02 6.81 43.63
N CYS B 437 24.62 7.59 42.62
CA CYS B 437 25.17 8.91 42.39
C CYS B 437 24.39 10.01 43.08
N ALA B 438 23.29 9.69 43.77
CA ALA B 438 22.48 10.68 44.47
C ALA B 438 22.00 11.77 43.52
N SER B 439 21.73 11.42 42.27
CA SER B 439 21.21 12.38 41.31
C SER B 439 19.68 12.33 41.29
N HIS B 440 19.08 13.48 41.01
CA HIS B 440 17.63 13.57 40.98
C HIS B 440 17.08 12.74 39.82
N ILE B 441 16.14 11.85 40.14
CA ILE B 441 15.53 10.97 39.15
C ILE B 441 14.04 11.28 38.98
N GLY B 442 13.37 11.65 40.06
CA GLY B 442 11.94 11.90 39.98
C GLY B 442 11.34 12.08 41.36
N TRP B 443 10.09 11.65 41.50
CA TRP B 443 9.34 11.84 42.73
C TRP B 443 8.49 10.62 43.01
N LYS B 444 8.10 10.46 44.27
CA LYS B 444 7.15 9.45 44.69
C LYS B 444 5.87 10.13 45.13
N PHE B 445 4.75 9.72 44.55
CA PHE B 445 3.46 10.34 44.81
C PHE B 445 2.61 9.39 45.67
N THR B 446 1.98 9.94 46.69
CA THR B 446 1.18 9.18 47.63
C THR B 446 -0.21 9.80 47.72
N ALA B 447 -1.24 8.95 47.62
CA ALA B 447 -2.61 9.45 47.64
C ALA B 447 -2.92 10.08 48.99
N THR B 448 -3.70 11.16 48.96
CA THR B 448 -4.07 11.87 50.18
C THR B 448 -5.32 11.29 50.84
N LYS B 449 -6.04 10.40 50.17
CA LYS B 449 -7.24 9.78 50.72
C LYS B 449 -7.11 8.26 50.68
N LYS B 450 -7.58 7.61 51.73
CA LYS B 450 -7.49 6.16 51.81
C LYS B 450 -8.40 5.45 50.82
N ASP B 451 -9.40 6.14 50.27
CA ASP B 451 -10.30 5.55 49.28
C ASP B 451 -9.79 5.69 47.87
N MET B 452 -8.58 6.22 47.68
CA MET B 452 -8.09 6.58 46.38
C MET B 452 -7.05 5.54 45.94
N SER B 453 -7.24 5.01 44.74
CA SER B 453 -6.31 4.05 44.18
C SER B 453 -5.74 4.60 42.87
N PRO B 454 -4.45 4.35 42.59
CA PRO B 454 -3.49 3.63 43.43
C PRO B 454 -3.01 4.49 44.59
N GLN B 455 -2.74 3.89 45.76
CA GLN B 455 -2.34 4.68 46.91
C GLN B 455 -0.99 5.37 46.67
N LYS B 456 -0.05 4.68 46.06
CA LYS B 456 1.28 5.21 45.83
C LYS B 456 1.73 4.86 44.42
N PHE B 457 2.63 5.68 43.88
CA PHE B 457 3.25 5.42 42.58
C PHE B 457 4.45 6.36 42.45
N TRP B 458 5.08 6.37 41.28
CA TRP B 458 6.28 7.16 41.07
C TRP B 458 6.19 7.88 39.74
N GLY B 459 6.82 9.04 39.67
CA GLY B 459 6.99 9.76 38.42
C GLY B 459 8.44 10.08 38.18
N LEU B 460 9.03 9.50 37.14
CA LEU B 460 10.46 9.62 36.88
C LEU B 460 10.68 10.50 35.65
N THR B 461 11.55 11.50 35.80
CA THR B 461 11.81 12.43 34.70
C THR B 461 12.55 11.74 33.56
N ARG B 462 12.10 12.01 32.33
CA ARG B 462 12.73 11.39 31.17
C ARG B 462 14.19 11.79 31.05
N SER B 463 14.48 13.08 31.25
CA SER B 463 15.85 13.55 31.10
C SER B 463 16.79 12.94 32.12
N ALA B 464 16.26 12.33 33.18
CA ALA B 464 17.06 11.70 34.21
C ALA B 464 17.13 10.19 34.06
N LEU B 465 16.72 9.66 32.90
CA LEU B 465 16.74 8.24 32.66
C LEU B 465 17.23 7.98 31.24
N LEU B 466 17.75 6.77 31.04
CA LEU B 466 18.08 6.30 29.70
C LEU B 466 17.56 4.89 29.49
N PRO B 467 17.17 4.55 28.27
CA PRO B 467 16.71 3.19 28.00
C PRO B 467 17.88 2.23 27.92
N THR B 468 17.68 1.03 28.45
CA THR B 468 18.71 -0.01 28.47
C THR B 468 18.13 -1.26 27.82
N ILE B 469 18.83 -1.78 26.82
CA ILE B 469 18.42 -2.95 26.06
C ILE B 469 19.13 -4.16 26.66
N PRO B 470 18.55 -5.37 26.59
CA PRO B 470 19.24 -6.52 27.17
C PRO B 470 20.12 -7.26 26.15
N LEU C 421 15.87 24.02 54.70
CA LEU C 421 15.06 25.17 54.33
C LEU C 421 15.34 25.58 52.89
N LEU C 422 16.61 25.54 52.50
CA LEU C 422 16.98 25.89 51.14
C LEU C 422 16.27 24.99 50.14
N PHE C 423 15.70 25.60 49.11
CA PHE C 423 14.98 24.92 48.05
C PHE C 423 15.85 24.82 46.81
N CYS C 424 15.66 23.75 46.05
CA CYS C 424 16.29 23.64 44.74
C CYS C 424 15.34 24.13 43.67
N PRO C 425 15.72 25.09 42.83
CA PRO C 425 14.81 25.57 41.78
C PRO C 425 14.40 24.50 40.79
N ILE C 426 15.19 23.44 40.62
CA ILE C 426 14.86 22.40 39.65
C ILE C 426 13.89 21.40 40.26
N CYS C 427 14.30 20.71 41.31
CA CYS C 427 13.45 19.77 42.03
C CYS C 427 13.28 20.25 43.46
N GLY C 428 12.36 19.61 44.18
CA GLY C 428 11.97 20.08 45.50
C GLY C 428 12.98 19.82 46.59
N PHE C 429 14.25 19.66 46.22
CA PHE C 429 15.29 19.36 47.19
C PHE C 429 15.31 20.38 48.31
N THR C 430 15.43 19.89 49.54
CA THR C 430 15.53 20.72 50.73
C THR C 430 16.79 20.33 51.50
N CYS C 431 17.52 21.35 51.97
CA CYS C 431 18.76 21.13 52.69
C CYS C 431 18.98 22.28 53.66
N ARG C 432 19.89 22.05 54.62
CA ARG C 432 20.12 23.01 55.70
C ARG C 432 21.30 23.94 55.41
N GLN C 433 22.48 23.39 55.14
CA GLN C 433 23.66 24.20 54.86
C GLN C 433 23.75 24.45 53.36
N LYS C 434 24.78 25.20 52.95
CA LYS C 434 24.82 25.76 51.61
C LYS C 434 25.67 24.93 50.66
N GLY C 435 26.76 24.35 51.15
CA GLY C 435 27.63 23.59 50.27
C GLY C 435 26.91 22.46 49.56
N ASN C 436 26.10 21.71 50.30
CA ASN C 436 25.32 20.64 49.69
C ASN C 436 24.33 21.19 48.67
N LEU C 437 23.75 22.36 48.95
CA LEU C 437 22.82 22.96 48.01
C LEU C 437 23.50 23.22 46.67
N LEU C 438 24.65 23.87 46.71
CA LEU C 438 25.40 24.14 45.47
C LEU C 438 25.82 22.83 44.81
N ARG C 439 26.26 21.86 45.62
CA ARG C 439 26.69 20.58 45.05
C ARG C 439 25.55 19.95 44.25
N HIS C 440 24.38 19.84 44.85
CA HIS C 440 23.25 19.23 44.16
C HIS C 440 22.85 20.04 42.94
N ILE C 441 22.69 21.36 43.10
CA ILE C 441 22.21 22.18 41.99
C ILE C 441 23.14 22.05 40.80
N ASN C 442 24.46 22.13 41.05
CA ASN C 442 25.41 21.93 39.97
C ASN C 442 25.36 20.51 39.43
N LEU C 443 25.00 19.54 40.27
CA LEU C 443 24.89 18.16 39.81
C LEU C 443 23.86 18.01 38.72
N HIS C 444 22.80 18.83 38.75
CA HIS C 444 21.77 18.77 37.73
C HIS C 444 22.39 18.88 36.35
N THR C 445 22.29 17.82 35.57
CA THR C 445 22.88 17.77 34.22
C THR C 445 21.97 18.52 33.28
N GLY C 446 22.27 19.80 33.08
CA GLY C 446 21.49 20.63 32.18
C GLY C 446 22.05 22.04 32.17
N GLU C 447 21.61 22.81 31.18
CA GLU C 447 22.10 24.18 31.07
C GLU C 447 21.65 25.05 32.24
N LYS C 448 20.63 24.61 32.99
CA LYS C 448 20.21 25.30 34.20
C LYS C 448 20.07 26.80 33.97
N LEU C 449 19.10 27.16 33.15
CA LEU C 449 18.94 28.54 32.72
C LEU C 449 18.43 29.39 33.88
N PHE C 450 19.26 29.55 34.91
CA PHE C 450 18.85 30.30 36.09
C PHE C 450 18.47 31.73 35.75
N LYS C 451 19.05 32.29 34.69
CA LYS C 451 18.72 33.65 34.30
C LYS C 451 17.22 33.78 34.02
N TYR C 452 16.68 32.86 33.22
CA TYR C 452 15.29 32.94 32.77
C TYR C 452 14.31 32.31 33.76
N HIS C 453 14.78 31.74 34.86
CA HIS C 453 13.91 30.95 35.74
C HIS C 453 13.73 31.55 37.11
N LEU C 454 14.79 31.81 37.87
CA LEU C 454 14.62 32.26 39.24
C LEU C 454 13.89 33.60 39.26
N TYR C 455 13.00 33.76 40.24
CA TYR C 455 12.23 34.98 40.40
C TYR C 455 13.16 36.19 40.59
ZN ZN D . 22.93 7.37 39.33
O1 MIQ E . 6.31 21.69 43.17
C2 MIQ E . 7.65 21.72 42.77
C3 MIQ E . 8.77 22.62 43.38
C4 MIQ E . 8.78 23.64 44.46
C5 MIQ E . 9.98 24.29 44.79
C7 MIQ E . 9.94 26.70 45.51
C8 MIQ E . 10.09 27.53 46.77
C10 MIQ E . 8.96 25.80 47.95
C11 MIQ E . 9.97 24.89 47.25
C12 MIQ E . 11.21 24.01 44.08
C13 MIQ E . 11.21 23.04 43.03
C14 MIQ E . 9.92 22.33 42.68
C15 MIQ E . 9.54 21.24 41.63
C18 MIQ E . 7.54 20.04 40.98
C19 MIQ E . 6.06 20.44 40.82
C21 MIQ E . 5.28 18.08 41.16
C22 MIQ E . 6.56 17.74 41.89
C23 MIQ E . 7.75 18.65 41.57
N17 MIQ E . 8.24 21.01 41.81
N20 MIQ E . 4.98 19.47 40.91
N6 MIQ E . 9.98 25.29 45.85
O16 MIQ E . 10.38 20.64 40.70
O24 MIQ E . 4.54 17.24 40.81
O25 MIQ E . 5.78 21.57 40.62
O9 MIQ E . 9.27 27.15 47.83
H12 MIQ E . 7.87 23.86 45.01
H02 MIQ E . 10.75 26.92 44.84
H01 MIQ E . 8.99 26.94 45.05
H03 MIQ E . 9.88 28.57 46.53
H04 MIQ E . 11.13 27.47 47.11
H06 MIQ E . 8.94 25.54 49.00
H05 MIQ E . 7.99 25.63 47.52
H08 MIQ E . 9.67 23.85 47.34
H07 MIQ E . 10.96 25.00 47.68
H09 MIQ E . 12.13 24.51 44.33
H10 MIQ E . 12.11 22.81 42.50
H11 MIQ E . 7.99 20.05 40.00
H14 MIQ E . 6.83 16.72 41.66
H15 MIQ E . 6.37 17.80 42.96
H16 MIQ E . 8.30 18.77 42.49
H17 MIQ E . 8.38 18.10 40.89
H13 MIQ E . 4.04 19.78 40.81
ZN ZN F . 17.30 19.62 42.38
#